data_1CJV
#
_entry.id   1CJV
#
_cell.length_a   118.400
_cell.length_b   134.200
_cell.length_c   71.600
_cell.angle_alpha   90.00
_cell.angle_beta   90.00
_cell.angle_gamma   90.00
#
_symmetry.space_group_name_H-M   'P 21 21 2'
#
loop_
_entity.id
_entity.type
_entity.pdbx_description
1 polymer 'ADENYLATE CYCLASE, TYPE V'
2 polymer 'ADENYLATE CYCLASE, TYPE II'
3 polymer 'GUANINE NUCLEOTIDE-BINDING PROTEIN G(S)'
4 non-polymer 'ZINC ION'
5 non-polymer 'MAGNESIUM ION'
6 non-polymer FORSKOLIN
7 non-polymer "2',3'-DIDEOXYADENOSINE-5'-TRIPHOSPHATE"
8 non-polymer '2-(N-MORPHOLINO)-ETHANESULFONIC ACID'
9 non-polymer 'CHLORIDE ION'
10 non-polymer "5'-GUANOSINE-DIPHOSPHATE-MONOTHIOPHOSPHATE"
11 water water
#
loop_
_entity_poly.entity_id
_entity_poly.type
_entity_poly.pdbx_seq_one_letter_code
_entity_poly.pdbx_strand_id
1 'polypeptide(L)'
;MEMKADINAKQEDMMFHKIYIQKHDNVSILFADIEGFTSLASQCTAQELVMTLNELFARFDKLAAENHCLRIKILGDCYY
CVSGLPEARADHAHCCVEMGMDMIEAISLVREMTGVNVNMRVGIHSGRVHCGVLGLRKWQFDVWSNDVTLANHMEAGGKA
GRIHITKATLSYLNGDYEVEPGCGGERNAYLKEHSIETFLILRCTQKRKEEKAMIAK
;
A
2 'polypeptide(L)'
;RSLKNEELYHQSYDCVCVMFASIPDFKEFYTESDVNKEGLECLRLLNEIIADFDDLLSKPKFSGVEKIKTIGSTYMAATG
LSAIPSQEHAQEPERQYMHIGTMVEFAYALVGKLDAINKHSFNDFKLRVGINHGPVIAGVIGAQKPQYDIWGNTVNVASR
MDSTGVLDKIQVTEETSLILQTLGYTCTCRGIINVKGKGDLKTYFVNTEMSR
;
B
3 'polypeptide(L)'
;MGCLGNSKTEDQRNEEKAQREANKKIEKQLQKDKQVYRATHRLLLLGAGESGKSTIVKQMRILHVNGFNGGEGGEEDPNA
KSNSDGEKATKVQDIKNNLKEAIETIVAAMSNLVPPVELANPENQFRVDYILSVMNVPDFDFPPEFYEHAKALWEDEGVR
ACYERSNEYQLIDCAQYFLDKIDVIKQDDYVPSDQDLLRCRVLTSGIFETKFQVDKVNFHMFDVGGQRDERRKWIQCFND
VTAIIFVVASSSYNMVIREDNQTNRLQEALNLFKSIWNNRWLRTISVILFLNKQDLLAEKVLAGKSKIEDYFPEFARYTT
PEDATPEPGEDPRVTRAKYFIRDEFLRISTASGDGRHYCYPHFTCAVDTENIRRVFNDCRDIIQRMHLRQYELLGGHHHH
HH
;
C
#
loop_
_chem_comp.id
_chem_comp.type
_chem_comp.name
_chem_comp.formula
CL non-polymer 'CHLORIDE ION' 'Cl -1'
DAD non-polymer 2',3'-DIDEOXYADENOSINE-5'-TRIPHOSPHATE 'C10 H16 N5 O11 P3'
FOK non-polymer FORSKOLIN 'C22 H34 O7'
GSP non-polymer 5'-GUANOSINE-DIPHOSPHATE-MONOTHIOPHOSPHATE 'C10 H16 N5 O13 P3 S'
MES non-polymer '2-(N-MORPHOLINO)-ETHANESULFONIC ACID' 'C6 H13 N O4 S'
MG non-polymer 'MAGNESIUM ION' 'Mg 2'
ZN non-polymer 'ZINC ION' 'Zn 2'
#
# COMPACT_ATOMS: atom_id res chain seq x y z
N MET A 14 19.53 12.24 1.68
CA MET A 14 18.47 11.37 1.21
C MET A 14 18.28 10.19 2.15
N MET A 15 17.03 9.90 2.49
CA MET A 15 16.71 8.83 3.41
C MET A 15 16.23 7.56 2.72
N PHE A 16 15.86 7.66 1.46
CA PHE A 16 15.46 6.49 0.70
C PHE A 16 16.70 6.04 -0.06
N HIS A 17 16.99 4.76 -0.07
CA HIS A 17 18.14 4.27 -0.81
C HIS A 17 18.00 4.71 -2.27
N LYS A 18 19.12 4.81 -2.97
CA LYS A 18 19.06 5.19 -4.38
C LYS A 18 18.45 4.02 -5.14
N ILE A 19 17.46 4.31 -5.97
CA ILE A 19 16.79 3.26 -6.73
C ILE A 19 17.23 3.23 -8.20
N TYR A 20 17.78 2.11 -8.63
CA TYR A 20 18.23 1.97 -10.02
C TYR A 20 17.12 1.40 -10.89
N ILE A 21 16.19 2.27 -11.26
CA ILE A 21 15.04 1.90 -12.08
C ILE A 21 14.69 3.02 -13.03
N GLN A 22 14.25 2.63 -14.22
CA GLN A 22 13.86 3.58 -15.25
C GLN A 22 12.68 3.04 -16.05
N LYS A 23 11.72 3.92 -16.34
CA LYS A 23 10.53 3.54 -17.09
C LYS A 23 10.75 3.49 -18.60
N HIS A 24 10.04 2.59 -19.25
CA HIS A 24 10.13 2.43 -20.70
C HIS A 24 8.79 2.07 -21.31
N ASP A 25 8.30 2.93 -22.18
CA ASP A 25 7.03 2.72 -22.86
C ASP A 25 7.21 2.00 -24.19
N ASN A 26 6.11 1.49 -24.74
CA ASN A 26 6.13 0.79 -26.02
C ASN A 26 7.16 -0.34 -26.09
N VAL A 27 6.98 -1.35 -25.25
CA VAL A 27 7.86 -2.51 -25.20
C VAL A 27 7.02 -3.79 -25.24
N SER A 28 7.64 -4.90 -25.56
CA SER A 28 6.93 -6.18 -25.62
C SER A 28 7.62 -7.19 -24.71
N ILE A 29 6.82 -8.04 -24.07
CA ILE A 29 7.34 -9.04 -23.13
C ILE A 29 6.93 -10.46 -23.50
N LEU A 30 7.89 -11.40 -23.42
CA LEU A 30 7.62 -12.79 -23.75
C LEU A 30 7.90 -13.71 -22.57
N PHE A 31 6.90 -14.51 -22.21
CA PHE A 31 7.00 -15.48 -21.12
C PHE A 31 6.86 -16.89 -21.69
N ALA A 32 7.76 -17.77 -21.27
CA ALA A 32 7.75 -19.17 -21.70
C ALA A 32 8.03 -20.02 -20.47
N ASP A 33 7.22 -21.04 -20.24
CA ASP A 33 7.37 -21.89 -19.06
C ASP A 33 7.20 -23.37 -19.36
N ILE A 34 8.07 -24.21 -18.80
CA ILE A 34 7.97 -25.67 -19.01
C ILE A 34 6.68 -26.19 -18.39
N GLU A 35 6.05 -27.13 -19.07
CA GLU A 35 4.80 -27.74 -18.62
C GLU A 35 5.07 -28.89 -17.66
N GLY A 36 4.50 -28.80 -16.46
CA GLY A 36 4.69 -29.84 -15.47
C GLY A 36 6.15 -30.07 -15.12
N PHE A 37 6.89 -28.99 -14.87
CA PHE A 37 8.31 -29.07 -14.53
C PHE A 37 8.58 -29.78 -13.20
N THR A 38 7.73 -29.55 -12.20
CA THR A 38 7.89 -30.17 -10.90
C THR A 38 7.79 -31.67 -11.06
N SER A 39 6.81 -32.09 -11.85
CA SER A 39 6.57 -33.51 -12.12
C SER A 39 7.81 -34.14 -12.77
N LEU A 40 8.40 -33.40 -13.70
CA LEU A 40 9.58 -33.84 -14.44
C LEU A 40 10.79 -34.07 -13.54
N ALA A 41 11.09 -33.09 -12.69
CA ALA A 41 12.22 -33.15 -11.75
C ALA A 41 12.03 -34.25 -10.69
N SER A 42 10.80 -34.74 -10.56
CA SER A 42 10.47 -35.79 -9.59
C SER A 42 10.83 -37.19 -10.08
N GLN A 43 11.23 -37.30 -11.35
CA GLN A 43 11.58 -38.60 -11.92
C GLN A 43 13.02 -38.78 -12.42
N CYS A 44 13.60 -37.72 -12.98
CA CYS A 44 14.98 -37.81 -13.46
C CYS A 44 15.93 -37.08 -12.50
N THR A 45 17.15 -37.61 -12.39
CA THR A 45 18.19 -37.06 -11.51
C THR A 45 18.50 -35.58 -11.71
N ALA A 46 18.68 -34.86 -10.60
CA ALA A 46 18.99 -33.43 -10.61
C ALA A 46 20.13 -33.06 -11.54
N GLN A 47 21.10 -33.95 -11.65
CA GLN A 47 22.26 -33.77 -12.51
C GLN A 47 21.79 -33.77 -13.97
N GLU A 48 21.01 -34.78 -14.33
CA GLU A 48 20.49 -34.97 -15.68
C GLU A 48 19.49 -33.88 -16.11
N LEU A 49 18.70 -33.39 -15.15
CA LEU A 49 17.71 -32.35 -15.40
C LEU A 49 18.38 -31.04 -15.75
N VAL A 50 19.36 -30.63 -14.95
CA VAL A 50 20.10 -29.38 -15.16
C VAL A 50 20.76 -29.34 -16.53
N MET A 51 21.18 -30.49 -17.03
CA MET A 51 21.81 -30.56 -18.34
C MET A 51 20.80 -30.33 -19.46
N THR A 52 19.63 -30.97 -19.33
CA THR A 52 18.57 -30.84 -20.32
C THR A 52 18.05 -29.42 -20.33
N LEU A 53 18.04 -28.81 -19.15
CA LEU A 53 17.56 -27.44 -18.98
C LEU A 53 18.59 -26.47 -19.55
N ASN A 54 19.88 -26.75 -19.34
CA ASN A 54 20.97 -25.91 -19.83
C ASN A 54 21.10 -26.00 -21.35
N GLU A 55 20.78 -27.18 -21.88
CA GLU A 55 20.82 -27.41 -23.31
C GLU A 55 19.78 -26.50 -23.96
N LEU A 56 18.62 -26.42 -23.34
CA LEU A 56 17.53 -25.61 -23.84
C LEU A 56 17.70 -24.09 -23.67
N PHE A 57 18.08 -23.66 -22.46
CA PHE A 57 18.24 -22.23 -22.18
C PHE A 57 19.41 -21.51 -22.79
N ALA A 58 20.47 -22.23 -23.13
CA ALA A 58 21.63 -21.61 -23.75
C ALA A 58 21.25 -21.39 -25.21
N ARG A 59 20.47 -22.32 -25.75
CA ARG A 59 20.00 -22.24 -27.11
C ARG A 59 19.07 -21.02 -27.22
N PHE A 60 18.29 -20.78 -26.16
CA PHE A 60 17.37 -19.64 -26.11
C PHE A 60 18.12 -18.31 -26.07
N ASP A 61 19.21 -18.27 -25.29
CA ASP A 61 20.01 -17.06 -25.15
C ASP A 61 20.65 -16.61 -26.46
N LYS A 62 20.91 -17.56 -27.35
CA LYS A 62 21.49 -17.28 -28.66
C LYS A 62 20.42 -16.68 -29.56
N LEU A 63 19.26 -17.32 -29.57
CA LEU A 63 18.12 -16.88 -30.37
C LEU A 63 17.74 -15.44 -30.02
N ALA A 64 17.76 -15.13 -28.74
CA ALA A 64 17.42 -13.79 -28.25
C ALA A 64 18.29 -12.70 -28.84
N ALA A 65 19.59 -12.96 -28.95
CA ALA A 65 20.54 -12.00 -29.49
C ALA A 65 20.21 -11.64 -30.93
N GLU A 66 19.87 -12.66 -31.73
CA GLU A 66 19.51 -12.48 -33.13
C GLU A 66 18.23 -11.67 -33.27
N ASN A 67 17.17 -12.13 -32.62
CA ASN A 67 15.87 -11.48 -32.66
C ASN A 67 15.79 -10.12 -31.96
N HIS A 68 16.92 -9.62 -31.46
CA HIS A 68 16.97 -8.32 -30.77
C HIS A 68 16.18 -8.27 -29.44
N CYS A 69 15.97 -9.44 -28.85
CA CYS A 69 15.26 -9.58 -27.56
C CYS A 69 16.29 -9.64 -26.45
N LEU A 70 16.01 -9.01 -25.32
CA LEU A 70 16.95 -9.06 -24.20
C LEU A 70 16.45 -9.97 -23.08
N ARG A 71 17.20 -11.04 -22.82
CA ARG A 71 16.87 -12.02 -21.76
C ARG A 71 16.92 -11.35 -20.39
N ILE A 72 15.88 -11.56 -19.61
CA ILE A 72 15.83 -10.99 -18.28
C ILE A 72 16.41 -11.99 -17.29
N LYS A 73 15.65 -13.02 -16.95
CA LYS A 73 16.15 -14.05 -16.04
C LYS A 73 15.46 -15.40 -16.08
N ILE A 74 16.09 -16.41 -15.50
CA ILE A 74 15.52 -17.74 -15.51
C ILE A 74 15.06 -18.16 -14.11
N LEU A 75 13.79 -18.51 -13.99
CA LEU A 75 13.25 -18.92 -12.71
C LEU A 75 12.94 -20.42 -12.74
N GLY A 76 13.99 -21.23 -12.87
CA GLY A 76 13.81 -22.67 -12.92
C GLY A 76 13.38 -23.08 -14.32
N ASP A 77 12.07 -23.11 -14.58
CA ASP A 77 11.56 -23.47 -15.90
C ASP A 77 10.87 -22.30 -16.62
N CYS A 78 10.81 -21.14 -15.97
CA CYS A 78 10.20 -19.94 -16.54
C CYS A 78 11.33 -19.15 -17.20
N TYR A 79 11.07 -18.68 -18.41
CA TYR A 79 12.07 -17.93 -19.16
C TYR A 79 11.41 -16.70 -19.77
N TYR A 80 11.96 -15.52 -19.50
CA TYR A 80 11.40 -14.29 -20.05
C TYR A 80 12.41 -13.28 -20.57
N CYS A 81 11.99 -12.54 -21.60
CA CYS A 81 12.81 -11.53 -22.27
C CYS A 81 11.89 -10.45 -22.82
N VAL A 82 12.48 -9.35 -23.25
CA VAL A 82 11.70 -8.24 -23.78
C VAL A 82 12.38 -7.54 -24.96
N SER A 83 11.59 -6.85 -25.77
CA SER A 83 12.12 -6.11 -26.90
C SER A 83 11.78 -4.66 -26.65
N GLY A 84 12.66 -3.77 -27.09
CA GLY A 84 12.43 -2.36 -26.85
C GLY A 84 13.37 -1.92 -25.75
N LEU A 85 14.31 -2.80 -25.43
CA LEU A 85 15.31 -2.58 -24.40
C LEU A 85 16.65 -3.14 -24.91
N PRO A 86 17.76 -2.43 -24.63
CA PRO A 86 17.79 -1.18 -23.87
C PRO A 86 17.25 0.03 -24.63
N GLU A 87 17.64 0.17 -25.89
CA GLU A 87 17.21 1.28 -26.74
C GLU A 87 15.90 0.93 -27.43
N ALA A 88 15.03 1.94 -27.55
CA ALA A 88 13.73 1.76 -28.17
C ALA A 88 13.76 1.19 -29.59
N ARG A 89 12.73 0.45 -29.93
CA ARG A 89 12.61 -0.17 -31.24
C ARG A 89 11.14 -0.24 -31.69
N ALA A 90 10.92 -0.06 -32.98
CA ALA A 90 9.58 -0.10 -33.56
C ALA A 90 9.21 -1.52 -33.99
N ASP A 91 10.22 -2.27 -34.42
CA ASP A 91 10.06 -3.65 -34.86
C ASP A 91 9.81 -4.56 -33.65
N HIS A 92 9.72 -3.95 -32.48
CA HIS A 92 9.56 -4.65 -31.21
C HIS A 92 8.62 -5.84 -31.01
N ALA A 93 7.35 -5.70 -31.40
CA ALA A 93 6.41 -6.82 -31.22
C ALA A 93 6.71 -8.02 -32.11
N HIS A 94 7.32 -7.78 -33.26
CA HIS A 94 7.66 -8.82 -34.23
C HIS A 94 8.80 -9.67 -33.72
N CYS A 95 9.77 -9.01 -33.08
CA CYS A 95 10.94 -9.66 -32.52
C CYS A 95 10.54 -10.78 -31.57
N CYS A 96 9.62 -10.47 -30.66
CA CYS A 96 9.13 -11.44 -29.68
C CYS A 96 8.36 -12.57 -30.34
N VAL A 97 7.56 -12.23 -31.35
CA VAL A 97 6.80 -13.26 -32.07
C VAL A 97 7.81 -14.18 -32.76
N GLU A 98 8.82 -13.57 -33.38
CA GLU A 98 9.88 -14.30 -34.06
C GLU A 98 10.65 -15.16 -33.06
N MET A 99 10.91 -14.59 -31.89
CA MET A 99 11.63 -15.26 -30.81
C MET A 99 10.88 -16.51 -30.36
N GLY A 100 9.56 -16.37 -30.19
CA GLY A 100 8.75 -17.49 -29.78
C GLY A 100 8.80 -18.56 -30.85
N MET A 101 8.74 -18.13 -32.11
CA MET A 101 8.79 -19.04 -33.26
C MET A 101 10.03 -19.91 -33.17
N ASP A 102 11.19 -19.26 -33.00
CA ASP A 102 12.48 -19.96 -32.88
C ASP A 102 12.50 -20.84 -31.63
N MET A 103 11.97 -20.32 -30.53
CA MET A 103 11.92 -21.05 -29.26
C MET A 103 11.16 -22.36 -29.37
N ILE A 104 9.92 -22.29 -29.88
CA ILE A 104 9.08 -23.47 -30.03
C ILE A 104 9.74 -24.56 -30.87
N GLU A 105 10.57 -24.12 -31.83
CA GLU A 105 11.27 -25.04 -32.72
C GLU A 105 12.48 -25.66 -31.99
N ALA A 106 13.15 -24.83 -31.21
CA ALA A 106 14.32 -25.26 -30.46
C ALA A 106 13.93 -26.42 -29.56
N ILE A 107 12.89 -26.19 -28.76
CA ILE A 107 12.36 -27.17 -27.82
C ILE A 107 12.10 -28.52 -28.48
N SER A 108 11.63 -28.48 -29.72
CA SER A 108 11.33 -29.69 -30.47
C SER A 108 12.60 -30.48 -30.77
N LEU A 109 13.65 -29.77 -31.21
CA LEU A 109 14.93 -30.40 -31.52
C LEU A 109 15.59 -30.97 -30.26
N VAL A 110 15.49 -30.23 -29.15
CA VAL A 110 16.05 -30.67 -27.87
C VAL A 110 15.27 -31.84 -27.30
N ARG A 111 13.96 -31.86 -27.57
CA ARG A 111 13.10 -32.95 -27.10
C ARG A 111 13.46 -34.20 -27.89
N GLU A 112 13.81 -34.00 -29.16
CA GLU A 112 14.19 -35.04 -30.11
C GLU A 112 15.47 -35.76 -29.69
N MET A 113 16.55 -35.00 -29.54
CA MET A 113 17.85 -35.57 -29.14
C MET A 113 17.99 -35.96 -27.66
N THR A 114 17.14 -35.40 -26.78
CA THR A 114 17.21 -35.72 -25.36
C THR A 114 16.33 -36.90 -24.99
N GLY A 115 15.09 -36.89 -25.46
CA GLY A 115 14.16 -37.96 -25.14
C GLY A 115 13.29 -37.56 -23.96
N VAL A 116 13.55 -36.36 -23.44
CA VAL A 116 12.81 -35.80 -22.33
C VAL A 116 11.58 -35.06 -22.83
N ASN A 117 10.51 -35.11 -22.05
CA ASN A 117 9.23 -34.48 -22.36
C ASN A 117 9.28 -32.97 -22.12
N VAL A 118 9.86 -32.23 -23.07
CA VAL A 118 9.95 -30.78 -22.94
C VAL A 118 8.88 -30.09 -23.78
N ASN A 119 8.04 -29.31 -23.11
CA ASN A 119 6.97 -28.56 -23.76
C ASN A 119 6.81 -27.26 -23.03
N MET A 120 6.72 -26.17 -23.79
CA MET A 120 6.58 -24.85 -23.22
C MET A 120 5.39 -24.06 -23.76
N ARG A 121 4.86 -23.17 -22.91
CA ARG A 121 3.75 -22.31 -23.28
C ARG A 121 4.34 -20.93 -23.45
N VAL A 122 3.98 -20.23 -24.52
CA VAL A 122 4.52 -18.89 -24.71
C VAL A 122 3.42 -17.86 -24.57
N GLY A 123 3.78 -16.73 -23.95
CA GLY A 123 2.83 -15.66 -23.74
C GLY A 123 3.47 -14.32 -24.02
N ILE A 124 2.75 -13.48 -24.76
CA ILE A 124 3.26 -12.18 -25.12
C ILE A 124 2.21 -11.10 -24.92
N HIS A 125 2.66 -9.92 -24.50
CA HIS A 125 1.80 -8.77 -24.31
C HIS A 125 2.73 -7.58 -24.53
N SER A 126 2.15 -6.42 -24.87
CA SER A 126 2.95 -5.24 -25.14
C SER A 126 2.44 -4.04 -24.35
N GLY A 127 3.37 -3.24 -23.84
CA GLY A 127 2.98 -2.07 -23.06
C GLY A 127 4.17 -1.44 -22.38
N ARG A 128 3.98 -0.88 -21.18
CA ARG A 128 5.08 -0.25 -20.45
C ARG A 128 5.66 -1.11 -19.33
N VAL A 129 6.89 -0.78 -18.92
CA VAL A 129 7.56 -1.49 -17.86
C VAL A 129 8.56 -0.61 -17.17
N HIS A 130 8.75 -0.86 -15.88
CA HIS A 130 9.76 -0.15 -15.12
C HIS A 130 10.81 -1.23 -15.09
N CYS A 131 12.08 -0.88 -15.26
CA CYS A 131 13.12 -1.90 -15.24
C CYS A 131 14.40 -1.43 -14.58
N GLY A 132 15.10 -2.37 -13.95
CA GLY A 132 16.34 -2.07 -13.27
C GLY A 132 16.72 -3.16 -12.28
N VAL A 133 17.10 -2.74 -11.08
CA VAL A 133 17.49 -3.67 -10.02
C VAL A 133 16.96 -3.26 -8.64
N LEU A 134 16.90 -4.20 -7.72
CA LEU A 134 16.41 -3.93 -6.38
C LEU A 134 17.39 -4.41 -5.31
N GLY A 135 17.34 -3.79 -4.14
CA GLY A 135 18.21 -4.20 -3.06
C GLY A 135 19.63 -3.70 -3.19
N LEU A 136 20.52 -4.30 -2.40
CA LEU A 136 21.93 -3.94 -2.39
C LEU A 136 22.82 -5.10 -2.83
N ARG A 137 22.37 -6.32 -2.56
CA ARG A 137 23.14 -7.50 -2.91
C ARG A 137 22.54 -8.31 -4.04
N LYS A 138 23.39 -9.10 -4.69
CA LYS A 138 23.00 -9.97 -5.79
C LYS A 138 22.04 -9.33 -6.78
N TRP A 139 22.50 -8.25 -7.41
CA TRP A 139 21.71 -7.53 -8.40
C TRP A 139 21.44 -8.38 -9.61
N GLN A 140 20.23 -8.23 -10.13
CA GLN A 140 19.79 -8.92 -11.33
C GLN A 140 18.76 -8.00 -11.97
N PHE A 141 18.98 -7.64 -13.22
CA PHE A 141 18.09 -6.77 -13.99
C PHE A 141 16.71 -7.41 -14.06
N ASP A 142 15.66 -6.61 -13.93
CA ASP A 142 14.32 -7.16 -13.98
C ASP A 142 13.30 -6.14 -14.49
N VAL A 143 12.07 -6.60 -14.68
CA VAL A 143 10.99 -5.77 -15.17
C VAL A 143 9.79 -5.85 -14.24
N TRP A 144 9.05 -4.74 -14.12
CA TRP A 144 7.89 -4.68 -13.25
C TRP A 144 6.82 -3.76 -13.86
N SER A 145 5.57 -4.22 -13.82
CA SER A 145 4.42 -3.45 -14.29
C SER A 145 3.24 -4.39 -14.48
N ASN A 146 2.05 -3.81 -14.54
CA ASN A 146 0.82 -4.60 -14.75
C ASN A 146 0.93 -5.31 -16.09
N ASP A 147 1.57 -4.64 -17.04
CA ASP A 147 1.76 -5.22 -18.36
C ASP A 147 2.62 -6.45 -18.24
N VAL A 148 3.64 -6.40 -17.40
CA VAL A 148 4.49 -7.56 -17.20
C VAL A 148 3.71 -8.64 -16.46
N THR A 149 2.85 -8.22 -15.52
CA THR A 149 2.03 -9.16 -14.75
C THR A 149 1.08 -9.88 -15.71
N LEU A 150 0.51 -9.12 -16.66
CA LEU A 150 -0.39 -9.68 -17.65
C LEU A 150 0.35 -10.68 -18.54
N ALA A 151 1.54 -10.30 -19.01
CA ALA A 151 2.35 -11.17 -19.85
C ALA A 151 2.55 -12.53 -19.19
N ASN A 152 2.90 -12.51 -17.91
CA ASN A 152 3.11 -13.73 -17.15
C ASN A 152 1.84 -14.59 -17.12
N HIS A 153 0.68 -13.92 -17.02
CA HIS A 153 -0.60 -14.61 -17.00
C HIS A 153 -0.98 -15.17 -18.36
N MET A 154 -0.50 -14.52 -19.42
CA MET A 154 -0.77 -14.97 -20.78
C MET A 154 -0.03 -16.30 -21.05
N GLU A 155 1.12 -16.49 -20.39
CA GLU A 155 1.90 -17.71 -20.54
C GLU A 155 1.16 -18.83 -19.84
N ALA A 156 0.59 -18.51 -18.69
CA ALA A 156 -0.17 -19.48 -17.90
C ALA A 156 -1.42 -19.85 -18.71
N GLY A 157 -1.97 -18.83 -19.37
CA GLY A 157 -3.16 -19.02 -20.18
C GLY A 157 -2.89 -19.58 -21.56
N GLY A 158 -1.63 -19.56 -21.97
CA GLY A 158 -1.26 -20.08 -23.29
C GLY A 158 -1.52 -21.57 -23.43
N LYS A 159 -1.16 -22.11 -24.59
CA LYS A 159 -1.33 -23.52 -24.87
C LYS A 159 0.00 -24.08 -25.30
N ALA A 160 0.23 -25.34 -24.95
CA ALA A 160 1.47 -26.03 -25.27
C ALA A 160 1.87 -25.89 -26.73
N GLY A 161 3.13 -25.49 -26.94
CA GLY A 161 3.68 -25.31 -28.28
C GLY A 161 3.09 -24.21 -29.14
N ARG A 162 2.40 -23.24 -28.55
CA ARG A 162 1.79 -22.15 -29.29
C ARG A 162 2.17 -20.79 -28.73
N ILE A 163 2.07 -19.75 -29.55
CA ILE A 163 2.41 -18.40 -29.11
C ILE A 163 1.15 -17.56 -28.80
N HIS A 164 0.75 -17.54 -27.54
CA HIS A 164 -0.44 -16.82 -27.10
C HIS A 164 -0.18 -15.31 -26.96
N ILE A 165 -0.99 -14.47 -27.61
CA ILE A 165 -0.82 -13.01 -27.51
C ILE A 165 -2.08 -12.22 -27.16
N THR A 166 -1.91 -10.98 -26.73
CA THR A 166 -3.04 -10.12 -26.36
C THR A 166 -3.36 -9.15 -27.49
N LYS A 167 -4.54 -8.52 -27.42
CA LYS A 167 -4.94 -7.58 -28.45
C LYS A 167 -3.98 -6.40 -28.55
N ALA A 168 -3.45 -5.97 -27.41
CA ALA A 168 -2.49 -4.87 -27.39
C ALA A 168 -1.25 -5.22 -28.20
N THR A 169 -0.86 -6.50 -28.20
CA THR A 169 0.30 -6.96 -28.94
C THR A 169 -0.01 -7.01 -30.44
N LEU A 170 -1.19 -7.52 -30.77
CA LEU A 170 -1.64 -7.64 -32.15
C LEU A 170 -1.65 -6.29 -32.89
N SER A 171 -1.94 -5.22 -32.16
CA SER A 171 -1.99 -3.89 -32.75
C SER A 171 -0.60 -3.35 -33.09
N TYR A 172 0.42 -4.18 -32.88
CA TYR A 172 1.81 -3.79 -33.17
C TYR A 172 2.42 -4.73 -34.23
N LEU A 173 1.69 -5.78 -34.58
CA LEU A 173 2.18 -6.72 -35.57
C LEU A 173 1.92 -6.25 -37.00
N ASN A 174 1.13 -5.19 -37.13
CA ASN A 174 0.79 -4.59 -38.43
C ASN A 174 0.18 -5.62 -39.38
N GLY A 175 -0.40 -6.67 -38.82
CA GLY A 175 -1.03 -7.71 -39.62
C GLY A 175 -0.13 -8.58 -40.47
N ASP A 176 1.02 -8.97 -39.93
CA ASP A 176 1.95 -9.83 -40.65
C ASP A 176 1.80 -11.30 -40.25
N TYR A 177 0.87 -11.58 -39.34
CA TYR A 177 0.62 -12.94 -38.85
C TYR A 177 -0.86 -13.30 -38.79
N GLU A 178 -1.19 -14.47 -39.29
CA GLU A 178 -2.55 -14.97 -39.27
C GLU A 178 -2.76 -15.62 -37.91
N VAL A 179 -3.67 -15.05 -37.14
CA VAL A 179 -3.97 -15.57 -35.83
C VAL A 179 -5.37 -16.13 -35.78
N GLU A 180 -5.77 -16.61 -34.61
CA GLU A 180 -7.10 -17.16 -34.39
C GLU A 180 -7.49 -16.90 -32.94
N PRO A 181 -8.80 -16.87 -32.64
CA PRO A 181 -9.25 -16.62 -31.27
C PRO A 181 -8.47 -17.43 -30.24
N GLY A 182 -7.93 -16.72 -29.26
CA GLY A 182 -7.14 -17.35 -28.21
C GLY A 182 -7.94 -17.99 -27.09
N CYS A 183 -9.08 -17.39 -26.76
CA CYS A 183 -9.95 -17.90 -25.71
C CYS A 183 -9.23 -17.98 -24.37
N GLY A 184 -8.41 -16.97 -24.09
CA GLY A 184 -7.65 -16.93 -22.85
C GLY A 184 -8.51 -16.76 -21.62
N GLY A 185 -9.66 -16.11 -21.79
CA GLY A 185 -10.58 -15.89 -20.70
C GLY A 185 -11.17 -17.15 -20.14
N GLU A 186 -11.01 -18.26 -20.86
CA GLU A 186 -11.52 -19.55 -20.42
C GLU A 186 -10.45 -20.32 -19.66
N ARG A 187 -9.21 -20.16 -20.09
CA ARG A 187 -8.07 -20.86 -19.50
C ARG A 187 -7.44 -20.18 -18.27
N ASN A 188 -7.62 -18.87 -18.13
CA ASN A 188 -7.02 -18.15 -17.01
C ASN A 188 -7.95 -17.07 -16.45
N ALA A 189 -8.22 -17.18 -15.15
CA ALA A 189 -9.10 -16.26 -14.44
C ALA A 189 -8.66 -14.80 -14.46
N TYR A 190 -7.36 -14.56 -14.58
CA TYR A 190 -6.86 -13.18 -14.62
C TYR A 190 -7.28 -12.52 -15.93
N LEU A 191 -7.10 -13.26 -17.02
CA LEU A 191 -7.43 -12.77 -18.34
C LEU A 191 -8.91 -12.43 -18.47
N LYS A 192 -9.77 -13.25 -17.87
CA LYS A 192 -11.22 -13.06 -17.92
C LYS A 192 -11.66 -11.85 -17.15
N GLU A 193 -11.37 -11.84 -15.86
CA GLU A 193 -11.73 -10.74 -14.97
C GLU A 193 -11.24 -9.38 -15.45
N HIS A 194 -10.14 -9.35 -16.20
CA HIS A 194 -9.61 -8.10 -16.72
C HIS A 194 -10.07 -7.83 -18.15
N SER A 195 -10.93 -8.73 -18.65
CA SER A 195 -11.50 -8.61 -19.99
C SER A 195 -10.52 -8.63 -21.15
N ILE A 196 -9.44 -9.40 -21.03
CA ILE A 196 -8.43 -9.46 -22.11
C ILE A 196 -8.86 -10.30 -23.33
N GLU A 197 -8.72 -9.71 -24.51
CA GLU A 197 -9.08 -10.37 -25.76
C GLU A 197 -7.81 -11.07 -26.26
N THR A 198 -7.84 -12.40 -26.33
CA THR A 198 -6.66 -13.14 -26.77
C THR A 198 -6.65 -13.70 -28.18
N PHE A 199 -5.46 -14.12 -28.63
CA PHE A 199 -5.25 -14.66 -29.97
C PHE A 199 -4.07 -15.62 -30.00
N LEU A 200 -4.19 -16.66 -30.84
CA LEU A 200 -3.14 -17.66 -31.02
C LEU A 200 -2.54 -17.48 -32.41
N ILE A 201 -1.21 -17.38 -32.50
CA ILE A 201 -0.49 -17.19 -33.78
C ILE A 201 -0.40 -18.52 -34.55
N LEU A 202 -0.37 -18.44 -35.88
CA LEU A 202 -0.29 -19.64 -36.71
C LEU A 202 1.10 -19.85 -37.32
N HIS B 10 29.18 -26.66 -12.59
CA HIS B 10 28.00 -27.15 -11.87
C HIS B 10 28.40 -28.18 -10.80
N GLN B 11 28.52 -27.74 -9.55
CA GLN B 11 28.88 -28.65 -8.47
C GLN B 11 27.64 -29.26 -7.82
N SER B 12 27.73 -30.55 -7.49
CA SER B 12 26.63 -31.28 -6.86
C SER B 12 26.75 -31.22 -5.34
N TYR B 13 25.65 -30.91 -4.67
CA TYR B 13 25.65 -30.85 -3.21
C TYR B 13 24.74 -31.91 -2.65
N ASP B 14 24.91 -32.22 -1.37
CA ASP B 14 24.10 -33.26 -0.70
C ASP B 14 23.09 -32.74 0.32
N CYS B 15 23.52 -31.81 1.16
CA CYS B 15 22.63 -31.24 2.18
C CYS B 15 22.64 -29.73 2.11
N VAL B 16 21.60 -29.17 1.51
CA VAL B 16 21.45 -27.72 1.38
C VAL B 16 20.04 -27.35 1.82
N CYS B 17 19.92 -26.27 2.58
CA CYS B 17 18.63 -25.82 3.06
C CYS B 17 18.16 -24.59 2.27
N VAL B 18 17.11 -24.76 1.47
CA VAL B 18 16.58 -23.66 0.67
C VAL B 18 15.38 -23.01 1.37
N MET B 19 15.19 -21.71 1.14
CA MET B 19 14.08 -21.00 1.74
C MET B 19 13.46 -19.99 0.78
N PHE B 20 12.13 -19.92 0.77
CA PHE B 20 11.42 -18.96 -0.05
C PHE B 20 10.53 -18.16 0.89
N ALA B 21 10.84 -16.89 1.07
CA ALA B 21 10.06 -16.02 1.94
C ALA B 21 9.27 -15.02 1.09
N SER B 22 7.96 -15.21 1.03
CA SER B 22 7.10 -14.34 0.21
C SER B 22 6.31 -13.28 0.97
N ILE B 23 5.92 -12.21 0.27
CA ILE B 23 5.10 -11.16 0.86
C ILE B 23 3.86 -11.06 -0.01
N PRO B 24 2.97 -12.06 0.09
CA PRO B 24 1.73 -12.20 -0.69
C PRO B 24 0.88 -10.95 -0.75
N ASP B 25 0.95 -10.11 0.28
CA ASP B 25 0.17 -8.89 0.32
C ASP B 25 0.74 -7.75 -0.51
N PHE B 26 1.95 -7.90 -1.03
CA PHE B 26 2.53 -6.83 -1.81
C PHE B 26 1.83 -6.56 -3.14
N LYS B 27 1.53 -7.62 -3.88
CA LYS B 27 0.86 -7.54 -5.19
C LYS B 27 -0.37 -6.65 -5.15
N GLU B 28 -1.11 -6.73 -4.05
CA GLU B 28 -2.32 -5.94 -3.85
C GLU B 28 -1.97 -4.49 -3.58
N PHE B 29 -0.91 -4.27 -2.81
CA PHE B 29 -0.46 -2.92 -2.49
C PHE B 29 0.05 -2.23 -3.73
N TYR B 30 0.53 -2.99 -4.71
CA TYR B 30 1.05 -2.39 -5.94
C TYR B 30 -0.05 -1.86 -6.82
N THR B 31 0.02 -0.57 -7.13
CA THR B 31 -0.95 0.09 -8.02
C THR B 31 -0.21 0.91 -9.06
N GLU B 32 -0.92 1.38 -10.08
CA GLU B 32 -0.31 2.17 -11.13
C GLU B 32 -1.13 3.44 -11.36
N SER B 33 -0.72 4.52 -10.70
CA SER B 33 -1.42 5.81 -10.80
C SER B 33 -0.47 6.94 -11.15
N ASP B 34 -1.06 8.11 -11.39
CA ASP B 34 -0.29 9.30 -11.73
C ASP B 34 0.38 9.87 -10.49
N VAL B 35 -0.27 9.67 -9.35
CA VAL B 35 0.27 10.16 -8.10
C VAL B 35 1.51 9.36 -7.70
N ASN B 36 1.40 8.03 -7.75
CA ASN B 36 2.51 7.17 -7.39
C ASN B 36 3.49 6.94 -8.54
N LYS B 37 3.46 7.81 -9.53
CA LYS B 37 4.34 7.75 -10.69
C LYS B 37 4.32 6.42 -11.44
N GLU B 38 3.12 5.91 -11.72
CA GLU B 38 2.97 4.65 -12.43
C GLU B 38 3.58 3.48 -11.70
N GLY B 39 3.42 3.45 -10.38
CA GLY B 39 3.95 2.35 -9.60
C GLY B 39 5.42 2.42 -9.20
N LEU B 40 6.07 3.55 -9.50
CA LEU B 40 7.46 3.72 -9.13
C LEU B 40 7.55 3.84 -7.60
N GLU B 41 6.62 4.60 -7.02
CA GLU B 41 6.62 4.78 -5.58
C GLU B 41 6.41 3.48 -4.78
N CYS B 42 5.66 2.54 -5.35
CA CYS B 42 5.43 1.26 -4.68
C CYS B 42 6.73 0.47 -4.73
N LEU B 43 7.43 0.56 -5.86
CA LEU B 43 8.71 -0.14 -6.01
C LEU B 43 9.76 0.47 -5.11
N ARG B 44 9.58 1.74 -4.73
CA ARG B 44 10.57 2.36 -3.85
C ARG B 44 10.49 1.68 -2.49
N LEU B 45 9.27 1.31 -2.10
CA LEU B 45 9.07 0.63 -0.83
C LEU B 45 9.63 -0.78 -0.92
N LEU B 46 9.37 -1.47 -2.03
CA LEU B 46 9.89 -2.82 -2.17
C LEU B 46 11.39 -2.79 -2.15
N ASN B 47 11.97 -1.75 -2.75
CA ASN B 47 13.41 -1.60 -2.78
C ASN B 47 13.91 -1.47 -1.34
N GLU B 48 13.21 -0.69 -0.53
CA GLU B 48 13.62 -0.52 0.85
C GLU B 48 13.58 -1.86 1.59
N ILE B 49 12.49 -2.61 1.38
CA ILE B 49 12.29 -3.90 2.01
C ILE B 49 13.39 -4.90 1.67
N ILE B 50 13.68 -5.06 0.39
CA ILE B 50 14.71 -6.00 -0.05
C ILE B 50 16.07 -5.60 0.47
N ALA B 51 16.30 -4.29 0.59
CA ALA B 51 17.57 -3.79 1.10
C ALA B 51 17.66 -4.16 2.58
N ASP B 52 16.62 -3.84 3.34
CA ASP B 52 16.58 -4.17 4.76
C ASP B 52 16.83 -5.65 5.02
N PHE B 53 16.52 -6.50 4.03
CA PHE B 53 16.75 -7.94 4.17
C PHE B 53 18.19 -8.28 3.85
N ASP B 54 18.75 -7.66 2.80
CA ASP B 54 20.13 -7.91 2.39
C ASP B 54 21.16 -7.50 3.45
N ASP B 55 20.78 -6.59 4.34
CA ASP B 55 21.67 -6.13 5.40
C ASP B 55 21.91 -7.20 6.46
N LEU B 56 21.01 -8.18 6.53
CA LEU B 56 21.16 -9.26 7.51
C LEU B 56 22.35 -10.14 7.12
N LEU B 57 22.60 -10.29 5.83
CA LEU B 57 23.70 -11.12 5.36
C LEU B 57 25.02 -10.71 5.98
N SER B 58 25.13 -9.46 6.42
CA SER B 58 26.36 -8.97 7.05
C SER B 58 26.50 -9.32 8.54
N LYS B 59 25.39 -9.69 9.17
CA LYS B 59 25.42 -10.08 10.58
C LYS B 59 26.24 -11.37 10.63
N PRO B 60 27.27 -11.43 11.48
CA PRO B 60 28.17 -12.59 11.62
C PRO B 60 27.43 -13.93 11.78
N LYS B 61 26.34 -13.93 12.54
CA LYS B 61 25.58 -15.16 12.75
C LYS B 61 24.94 -15.67 11.44
N PHE B 62 24.95 -14.84 10.41
CA PHE B 62 24.36 -15.19 9.11
C PHE B 62 25.34 -15.35 7.93
N SER B 63 26.63 -15.36 8.24
CA SER B 63 27.68 -15.52 7.23
C SER B 63 27.55 -16.80 6.39
N GLY B 64 26.75 -17.74 6.87
CA GLY B 64 26.55 -18.98 6.14
C GLY B 64 25.37 -18.94 5.17
N VAL B 65 24.64 -17.82 5.15
CA VAL B 65 23.49 -17.62 4.26
C VAL B 65 23.91 -17.04 2.91
N GLU B 66 23.50 -17.70 1.82
CA GLU B 66 23.79 -17.23 0.48
C GLU B 66 22.52 -16.76 -0.16
N LYS B 67 22.43 -15.46 -0.41
CA LYS B 67 21.23 -14.94 -1.06
C LYS B 67 21.31 -15.38 -2.52
N ILE B 68 20.33 -16.15 -2.96
CA ILE B 68 20.32 -16.60 -4.34
C ILE B 68 19.79 -15.51 -5.26
N LYS B 69 18.55 -15.08 -5.01
CA LYS B 69 17.94 -14.04 -5.84
C LYS B 69 16.61 -13.55 -5.28
N THR B 70 16.03 -12.56 -5.94
CA THR B 70 14.75 -12.01 -5.52
C THR B 70 13.73 -12.28 -6.63
N ILE B 71 12.77 -13.16 -6.37
CA ILE B 71 11.75 -13.43 -7.38
C ILE B 71 10.52 -12.56 -7.06
N GLY B 72 10.31 -11.52 -7.85
CA GLY B 72 9.16 -10.66 -7.58
C GLY B 72 9.38 -9.97 -6.25
N SER B 73 8.54 -10.30 -5.26
CA SER B 73 8.68 -9.75 -3.91
C SER B 73 9.00 -10.92 -2.96
N THR B 74 9.48 -12.01 -3.53
CA THR B 74 9.83 -13.20 -2.75
C THR B 74 11.35 -13.28 -2.64
N TYR B 75 11.84 -13.49 -1.41
CA TYR B 75 13.26 -13.58 -1.14
C TYR B 75 13.70 -15.04 -1.04
N MET B 76 14.59 -15.46 -1.95
CA MET B 76 15.12 -16.83 -2.01
C MET B 76 16.58 -16.92 -1.52
N ALA B 77 16.85 -17.81 -0.57
CA ALA B 77 18.19 -18.00 0.00
C ALA B 77 18.50 -19.43 0.37
N ALA B 78 19.77 -19.72 0.66
CA ALA B 78 20.16 -21.08 1.03
C ALA B 78 21.37 -21.13 1.93
N THR B 79 21.47 -22.21 2.70
CA THR B 79 22.62 -22.43 3.58
C THR B 79 23.21 -23.81 3.28
N GLY B 80 24.52 -23.94 3.43
CA GLY B 80 25.14 -25.21 3.17
C GLY B 80 25.94 -25.21 1.89
N LEU B 81 25.93 -24.10 1.15
CA LEU B 81 26.70 -24.02 -0.07
C LEU B 81 28.19 -23.79 0.21
N SER B 82 28.55 -23.87 1.50
CA SER B 82 29.92 -23.67 1.96
C SER B 82 30.68 -24.99 2.29
N ALA B 83 29.98 -26.12 2.25
CA ALA B 83 30.60 -27.42 2.56
C ALA B 83 31.06 -28.22 1.33
N ARG B 95 27.95 -31.07 15.56
CA ARG B 95 27.55 -29.82 14.91
C ARG B 95 27.50 -30.04 13.40
N GLN B 96 26.57 -30.90 12.97
CA GLN B 96 26.39 -31.24 11.55
C GLN B 96 25.24 -30.51 10.85
N TYR B 97 24.03 -30.71 11.36
CA TYR B 97 22.80 -30.13 10.79
C TYR B 97 22.47 -28.68 11.10
N MET B 98 23.30 -28.02 11.91
CA MET B 98 23.05 -26.62 12.28
C MET B 98 22.77 -25.60 11.18
N HIS B 99 23.13 -25.90 9.93
CA HIS B 99 22.88 -24.95 8.85
C HIS B 99 21.39 -24.77 8.54
N ILE B 100 20.63 -25.85 8.72
CA ILE B 100 19.17 -25.89 8.53
C ILE B 100 18.52 -25.08 9.65
N GLY B 101 19.12 -25.15 10.83
CA GLY B 101 18.62 -24.40 11.97
C GLY B 101 18.92 -22.94 11.76
N THR B 102 20.04 -22.63 11.13
CA THR B 102 20.41 -21.25 10.87
C THR B 102 19.45 -20.62 9.86
N MET B 103 18.92 -21.44 8.96
CA MET B 103 17.97 -20.95 7.95
C MET B 103 16.69 -20.47 8.63
N VAL B 104 16.28 -21.16 9.68
CA VAL B 104 15.09 -20.80 10.43
C VAL B 104 15.35 -19.51 11.20
N GLU B 105 16.58 -19.33 11.67
CA GLU B 105 16.94 -18.14 12.40
C GLU B 105 16.91 -16.92 11.50
N PHE B 106 17.15 -17.16 10.21
CA PHE B 106 17.15 -16.10 9.21
C PHE B 106 15.71 -15.76 8.85
N ALA B 107 14.85 -16.79 8.82
CA ALA B 107 13.43 -16.62 8.51
C ALA B 107 12.79 -15.74 9.59
N TYR B 108 13.26 -15.87 10.84
CA TYR B 108 12.74 -15.06 11.93
C TYR B 108 13.25 -13.64 11.83
N ALA B 109 14.51 -13.51 11.42
CA ALA B 109 15.13 -12.20 11.28
C ALA B 109 14.42 -11.36 10.22
N LEU B 110 14.05 -12.01 9.10
CA LEU B 110 13.34 -11.32 8.02
C LEU B 110 12.03 -10.72 8.51
N VAL B 111 11.38 -11.41 9.44
CA VAL B 111 10.13 -10.95 10.04
C VAL B 111 10.37 -9.71 10.88
N GLY B 112 11.49 -9.67 11.60
CA GLY B 112 11.77 -8.53 12.42
C GLY B 112 11.99 -7.31 11.55
N LYS B 113 12.56 -7.52 10.38
CA LYS B 113 12.83 -6.42 9.45
C LYS B 113 11.56 -5.92 8.83
N LEU B 114 10.62 -6.83 8.56
CA LEU B 114 9.35 -6.44 7.97
C LEU B 114 8.46 -5.70 8.98
N ASP B 115 8.57 -6.05 10.25
CA ASP B 115 7.79 -5.37 11.28
C ASP B 115 8.27 -3.93 11.46
N ALA B 116 9.57 -3.72 11.23
CA ALA B 116 10.17 -2.41 11.33
C ALA B 116 9.64 -1.58 10.16
N ILE B 117 9.62 -2.20 8.99
CA ILE B 117 9.13 -1.56 7.77
C ILE B 117 7.67 -1.18 7.97
N ASN B 118 6.89 -2.08 8.56
CA ASN B 118 5.49 -1.81 8.78
C ASN B 118 5.28 -0.58 9.65
N LYS B 119 6.10 -0.44 10.70
CA LYS B 119 6.00 0.67 11.64
C LYS B 119 6.12 2.04 10.98
N HIS B 120 7.02 2.16 10.01
CA HIS B 120 7.24 3.42 9.31
C HIS B 120 6.38 3.66 8.08
N SER B 121 5.80 2.61 7.50
CA SER B 121 4.98 2.78 6.30
C SER B 121 3.50 2.56 6.52
N PHE B 122 3.13 2.43 7.80
CA PHE B 122 1.74 2.25 8.20
C PHE B 122 1.05 1.10 7.45
N ASN B 123 1.75 -0.03 7.30
CA ASN B 123 1.19 -1.20 6.63
C ASN B 123 1.20 -2.43 7.52
N ASP B 124 0.62 -3.53 7.05
CA ASP B 124 0.60 -4.76 7.83
C ASP B 124 1.08 -5.92 6.97
N PHE B 125 2.28 -5.80 6.41
CA PHE B 125 2.83 -6.85 5.57
C PHE B 125 3.26 -8.01 6.43
N LYS B 126 2.87 -9.21 6.03
CA LYS B 126 3.26 -10.41 6.76
C LYS B 126 4.03 -11.37 5.86
N LEU B 127 5.11 -11.94 6.38
CA LEU B 127 5.94 -12.86 5.62
C LEU B 127 5.36 -14.27 5.66
N ARG B 128 5.53 -15.03 4.59
CA ARG B 128 5.07 -16.41 4.50
C ARG B 128 6.27 -17.24 4.02
N VAL B 129 6.88 -18.00 4.93
CA VAL B 129 8.08 -18.79 4.63
C VAL B 129 7.94 -20.28 4.40
N GLY B 130 8.74 -20.80 3.47
CA GLY B 130 8.72 -22.22 3.18
C GLY B 130 10.16 -22.71 3.14
N ILE B 131 10.52 -23.65 4.00
CA ILE B 131 11.88 -24.20 4.05
C ILE B 131 11.94 -25.70 3.82
N ASN B 132 12.99 -26.14 3.13
CA ASN B 132 13.23 -27.53 2.81
C ASN B 132 14.72 -27.76 2.58
N HIS B 133 15.16 -29.02 2.67
CA HIS B 133 16.56 -29.35 2.46
C HIS B 133 16.77 -30.69 1.73
N GLY B 134 17.92 -30.84 1.09
CA GLY B 134 18.22 -32.06 0.36
C GLY B 134 19.29 -31.78 -0.67
N PRO B 135 19.40 -32.61 -1.71
CA PRO B 135 20.39 -32.42 -2.78
C PRO B 135 20.02 -31.31 -3.75
N VAL B 136 21.02 -30.66 -4.33
CA VAL B 136 20.87 -29.59 -5.31
C VAL B 136 22.08 -29.56 -6.24
N ILE B 137 22.00 -28.77 -7.30
CA ILE B 137 23.10 -28.61 -8.25
C ILE B 137 23.28 -27.11 -8.34
N ALA B 138 24.49 -26.63 -8.08
CA ALA B 138 24.73 -25.19 -8.13
C ALA B 138 25.67 -24.80 -9.27
N GLY B 139 25.43 -23.63 -9.85
CA GLY B 139 26.26 -23.15 -10.94
C GLY B 139 25.58 -22.12 -11.83
N VAL B 140 26.27 -21.72 -12.90
CA VAL B 140 25.73 -20.76 -13.84
C VAL B 140 25.05 -21.50 -14.99
N ILE B 141 24.04 -20.88 -15.57
CA ILE B 141 23.32 -21.50 -16.67
C ILE B 141 23.07 -20.41 -17.71
N GLY B 142 22.93 -20.80 -18.97
CA GLY B 142 22.69 -19.83 -20.02
C GLY B 142 23.94 -19.15 -20.57
N ALA B 143 23.79 -18.54 -21.75
CA ALA B 143 24.88 -17.87 -22.44
C ALA B 143 24.98 -16.35 -22.29
N GLN B 144 23.95 -15.70 -21.74
CA GLN B 144 23.98 -14.25 -21.56
C GLN B 144 24.84 -13.80 -20.37
N LYS B 145 24.32 -13.99 -19.17
CA LYS B 145 25.03 -13.58 -17.96
C LYS B 145 25.38 -14.73 -17.01
N PRO B 146 26.44 -14.53 -16.19
CA PRO B 146 26.92 -15.49 -15.20
C PRO B 146 26.21 -15.36 -13.84
N GLN B 147 24.93 -15.75 -13.80
CA GLN B 147 24.14 -15.68 -12.57
C GLN B 147 24.17 -17.03 -11.88
N TYR B 148 24.66 -17.04 -10.64
CA TYR B 148 24.74 -18.26 -9.84
C TYR B 148 23.35 -18.63 -9.33
N ASP B 149 22.94 -19.86 -9.61
CA ASP B 149 21.62 -20.35 -9.23
C ASP B 149 21.70 -21.80 -8.76
N ILE B 150 20.62 -22.33 -8.21
CA ILE B 150 20.61 -23.72 -7.77
C ILE B 150 19.38 -24.43 -8.31
N TRP B 151 19.49 -25.72 -8.53
CA TRP B 151 18.37 -26.50 -9.07
C TRP B 151 18.13 -27.76 -8.28
N GLY B 152 17.12 -28.51 -8.70
CA GLY B 152 16.80 -29.77 -8.05
C GLY B 152 15.37 -29.88 -7.55
N ASN B 153 14.98 -31.10 -7.20
CA ASN B 153 13.66 -31.39 -6.68
C ASN B 153 13.49 -30.64 -5.37
N THR B 154 14.58 -30.55 -4.61
CA THR B 154 14.58 -29.87 -3.32
C THR B 154 14.09 -28.44 -3.47
N VAL B 155 14.68 -27.70 -4.41
CA VAL B 155 14.30 -26.31 -4.63
C VAL B 155 12.81 -26.20 -4.97
N ASN B 156 12.31 -27.14 -5.77
CA ASN B 156 10.90 -27.16 -6.17
C ASN B 156 9.99 -27.33 -4.94
N VAL B 157 10.27 -28.33 -4.13
CA VAL B 157 9.46 -28.59 -2.94
C VAL B 157 9.54 -27.45 -1.92
N ALA B 158 10.67 -26.75 -1.88
CA ALA B 158 10.83 -25.64 -0.95
C ALA B 158 9.82 -24.58 -1.30
N SER B 159 9.79 -24.24 -2.59
CA SER B 159 8.89 -23.23 -3.12
C SER B 159 7.42 -23.62 -2.95
N ARG B 160 7.12 -24.90 -2.98
CA ARG B 160 5.74 -25.34 -2.80
C ARG B 160 5.36 -25.14 -1.34
N MET B 161 6.33 -25.25 -0.44
CA MET B 161 6.11 -25.07 1.00
C MET B 161 5.78 -23.61 1.31
N ASP B 162 6.09 -22.75 0.36
CA ASP B 162 5.86 -21.33 0.47
C ASP B 162 4.47 -20.98 -0.09
N SER B 163 4.24 -21.37 -1.35
CA SER B 163 2.97 -21.09 -2.03
C SER B 163 1.74 -21.72 -1.38
N THR B 164 1.95 -22.77 -0.56
CA THR B 164 0.84 -23.43 0.12
C THR B 164 0.91 -23.22 1.62
N GLY B 165 1.74 -22.27 2.04
CA GLY B 165 1.89 -21.97 3.46
C GLY B 165 0.84 -21.02 4.03
N VAL B 166 1.12 -20.49 5.23
CA VAL B 166 0.22 -19.57 5.94
C VAL B 166 1.00 -18.35 6.38
N LEU B 167 0.33 -17.19 6.42
CA LEU B 167 0.99 -15.94 6.84
C LEU B 167 1.55 -16.01 8.28
N ASP B 168 2.75 -15.47 8.47
CA ASP B 168 3.41 -15.47 9.77
C ASP B 168 3.83 -16.85 10.25
N LYS B 169 3.88 -17.83 9.34
CA LYS B 169 4.29 -19.18 9.72
C LYS B 169 5.34 -19.73 8.76
N ILE B 170 6.19 -20.62 9.28
CA ILE B 170 7.25 -21.28 8.50
C ILE B 170 6.81 -22.71 8.24
N GLN B 171 6.63 -23.05 6.96
CA GLN B 171 6.19 -24.39 6.61
C GLN B 171 7.34 -25.28 6.16
N VAL B 172 7.55 -26.36 6.89
CA VAL B 172 8.63 -27.27 6.56
C VAL B 172 8.12 -28.66 6.24
N THR B 173 8.93 -29.41 5.48
CA THR B 173 8.57 -30.76 5.08
C THR B 173 8.82 -31.72 6.24
N GLU B 174 8.22 -32.90 6.18
CA GLU B 174 8.37 -33.90 7.23
C GLU B 174 9.83 -34.22 7.56
N GLU B 175 10.63 -34.35 6.52
CA GLU B 175 12.05 -34.66 6.69
C GLU B 175 12.79 -33.52 7.37
N THR B 176 12.37 -32.30 7.11
CA THR B 176 13.01 -31.14 7.72
C THR B 176 12.49 -30.98 9.15
N SER B 177 11.26 -31.44 9.38
CA SER B 177 10.63 -31.37 10.68
C SER B 177 11.44 -32.16 11.67
N LEU B 178 11.86 -33.37 11.25
CA LEU B 178 12.65 -34.26 12.10
C LEU B 178 13.98 -33.63 12.50
N ILE B 179 14.69 -33.10 11.50
CA ILE B 179 15.98 -32.46 11.74
C ILE B 179 15.86 -31.25 12.65
N LEU B 180 14.87 -30.42 12.42
CA LEU B 180 14.66 -29.25 13.25
C LEU B 180 14.39 -29.66 14.69
N GLN B 181 13.82 -30.85 14.87
CA GLN B 181 13.52 -31.36 16.19
C GLN B 181 14.74 -31.80 16.98
N THR B 182 15.70 -32.43 16.30
CA THR B 182 16.93 -32.89 16.96
C THR B 182 17.71 -31.67 17.43
N LEU B 183 17.46 -30.53 16.78
CA LEU B 183 18.12 -29.28 17.11
C LEU B 183 17.36 -28.52 18.20
N GLY B 184 16.25 -29.07 18.67
CA GLY B 184 15.49 -28.42 19.73
C GLY B 184 14.27 -27.59 19.34
N TYR B 185 13.81 -27.73 18.09
CA TYR B 185 12.64 -26.99 17.64
C TYR B 185 11.39 -27.87 17.73
N THR B 186 10.23 -27.22 17.90
CA THR B 186 8.96 -27.92 18.01
C THR B 186 8.12 -27.64 16.77
N CYS B 187 7.56 -28.69 16.18
CA CYS B 187 6.75 -28.58 14.97
C CYS B 187 5.29 -28.96 15.20
N THR B 188 4.45 -28.65 14.23
CA THR B 188 3.03 -28.96 14.33
C THR B 188 2.59 -29.48 12.98
N CYS B 189 1.88 -30.59 12.97
CA CYS B 189 1.42 -31.18 11.73
C CYS B 189 0.37 -30.30 11.06
N ARG B 190 0.67 -29.88 9.83
CA ARG B 190 -0.23 -29.03 9.04
C ARG B 190 -1.33 -29.92 8.48
N GLY B 191 -0.96 -31.14 8.14
CA GLY B 191 -1.89 -32.10 7.57
C GLY B 191 -1.23 -32.79 6.40
N ILE B 192 -2.05 -33.24 5.47
CA ILE B 192 -1.58 -33.93 4.29
C ILE B 192 -2.14 -33.17 3.10
N ILE B 193 -1.35 -32.28 2.54
CA ILE B 193 -1.80 -31.51 1.38
C ILE B 193 -1.26 -32.02 0.06
N ASN B 194 -2.11 -31.93 -0.97
CA ASN B 194 -1.73 -32.36 -2.30
C ASN B 194 -0.95 -31.22 -2.95
N VAL B 195 0.34 -31.46 -3.15
CA VAL B 195 1.22 -30.47 -3.77
C VAL B 195 1.25 -30.76 -5.27
N LYS B 196 0.99 -29.73 -6.08
CA LYS B 196 0.98 -29.89 -7.54
C LYS B 196 2.27 -30.47 -8.10
N GLY B 197 2.14 -31.64 -8.74
CA GLY B 197 3.30 -32.30 -9.32
C GLY B 197 3.94 -33.34 -8.42
N LYS B 198 3.78 -33.18 -7.11
CA LYS B 198 4.36 -34.11 -6.14
C LYS B 198 3.37 -35.11 -5.55
N GLY B 199 2.13 -34.69 -5.34
CA GLY B 199 1.12 -35.56 -4.76
C GLY B 199 0.95 -35.24 -3.29
N ASP B 200 0.35 -36.17 -2.53
CA ASP B 200 0.14 -35.97 -1.10
C ASP B 200 1.40 -35.93 -0.24
N LEU B 201 1.64 -34.77 0.38
CA LEU B 201 2.81 -34.57 1.23
C LEU B 201 2.37 -34.18 2.63
N LYS B 202 3.05 -34.70 3.64
CA LYS B 202 2.71 -34.35 5.02
C LYS B 202 3.68 -33.24 5.43
N THR B 203 3.13 -32.08 5.80
CA THR B 203 3.95 -30.94 6.17
C THR B 203 3.84 -30.50 7.63
N TYR B 204 4.74 -29.61 8.05
CA TYR B 204 4.77 -29.11 9.43
C TYR B 204 4.99 -27.60 9.56
N PHE B 205 4.49 -27.03 10.66
CA PHE B 205 4.64 -25.60 10.95
C PHE B 205 5.61 -25.47 12.11
N VAL B 206 6.63 -24.64 11.97
CA VAL B 206 7.59 -24.47 13.04
C VAL B 206 6.92 -23.63 14.11
N ASN B 207 7.20 -23.97 15.37
CA ASN B 207 6.60 -23.25 16.50
C ASN B 207 7.45 -22.12 17.04
N THR B 208 6.92 -20.91 16.86
CA THR B 208 7.56 -19.67 17.31
C THR B 208 7.65 -19.59 18.83
N ALA C 39 10.23 27.46 -9.69
CA ALA C 39 10.18 26.86 -8.35
C ALA C 39 8.85 26.12 -8.14
N THR C 40 8.94 24.85 -7.77
CA THR C 40 7.76 24.02 -7.54
C THR C 40 7.85 23.20 -6.24
N HIS C 41 7.01 23.55 -5.26
CA HIS C 41 6.98 22.88 -3.96
C HIS C 41 5.84 21.90 -3.83
N ARG C 42 6.16 20.66 -3.43
CA ARG C 42 5.16 19.62 -3.24
C ARG C 42 4.88 19.46 -1.74
N LEU C 43 3.68 19.85 -1.32
CA LEU C 43 3.25 19.78 0.08
C LEU C 43 2.27 18.63 0.35
N LEU C 44 2.50 17.90 1.44
CA LEU C 44 1.67 16.77 1.79
C LEU C 44 0.86 17.00 3.07
N LEU C 45 -0.44 16.77 2.97
CA LEU C 45 -1.35 16.94 4.11
C LEU C 45 -1.56 15.67 4.91
N LEU C 46 -1.13 15.69 6.17
CA LEU C 46 -1.28 14.51 7.02
C LEU C 46 -1.99 14.84 8.33
N GLY C 47 -2.71 13.85 8.86
CA GLY C 47 -3.45 13.98 10.10
C GLY C 47 -4.45 12.85 10.24
N ALA C 48 -4.99 12.69 11.45
CA ALA C 48 -5.99 11.65 11.72
C ALA C 48 -7.30 11.98 10.99
N GLY C 49 -8.21 11.01 10.94
CA GLY C 49 -9.48 11.21 10.25
C GLY C 49 -10.31 12.35 10.81
N GLU C 50 -10.94 13.13 9.93
CA GLU C 50 -11.77 14.27 10.32
C GLU C 50 -11.04 15.46 10.95
N SER C 51 -9.72 15.51 10.79
CA SER C 51 -8.96 16.61 11.38
C SER C 51 -9.12 17.90 10.59
N GLY C 52 -9.57 17.79 9.35
CA GLY C 52 -9.76 18.97 8.52
C GLY C 52 -8.84 19.15 7.31
N LYS C 53 -8.16 18.09 6.88
CA LYS C 53 -7.25 18.18 5.73
C LYS C 53 -7.95 18.60 4.45
N SER C 54 -8.94 17.84 4.03
CA SER C 54 -9.67 18.13 2.80
C SER C 54 -10.19 19.56 2.77
N THR C 55 -10.53 20.08 3.94
CA THR C 55 -11.04 21.45 4.06
C THR C 55 -9.95 22.48 3.77
N ILE C 56 -8.75 22.24 4.26
CA ILE C 56 -7.62 23.12 4.04
C ILE C 56 -7.39 23.29 2.55
N VAL C 57 -7.60 22.22 1.79
CA VAL C 57 -7.42 22.26 0.35
C VAL C 57 -8.49 23.11 -0.33
N LYS C 58 -9.72 22.98 0.13
CA LYS C 58 -10.83 23.78 -0.42
C LYS C 58 -10.52 25.26 -0.32
N GLN C 59 -9.86 25.66 0.77
CA GLN C 59 -9.49 27.07 0.95
C GLN C 59 -8.46 27.49 -0.08
N MET C 60 -7.64 26.55 -0.55
CA MET C 60 -6.64 26.88 -1.57
C MET C 60 -7.33 27.13 -2.90
N ARG C 61 -8.44 26.43 -3.13
CA ARG C 61 -9.19 26.63 -4.38
C ARG C 61 -9.88 28.00 -4.34
N ILE C 62 -10.60 28.25 -3.25
CA ILE C 62 -11.33 29.51 -3.04
C ILE C 62 -10.38 30.70 -3.00
N LEU C 63 -9.14 30.46 -2.59
CA LEU C 63 -8.15 31.53 -2.49
C LEU C 63 -7.22 31.74 -3.69
N HIS C 64 -6.76 30.65 -4.31
CA HIS C 64 -5.79 30.79 -5.41
C HIS C 64 -6.09 30.23 -6.80
N VAL C 65 -7.06 29.33 -6.92
CA VAL C 65 -7.41 28.77 -8.23
C VAL C 65 -8.46 29.63 -8.95
N GLU C 87 -19.06 23.20 -10.56
CA GLU C 87 -20.23 22.32 -10.55
C GLU C 87 -20.81 22.18 -9.14
N LYS C 88 -21.31 23.29 -8.59
CA LYS C 88 -21.90 23.33 -7.25
C LYS C 88 -23.10 22.40 -7.04
N ALA C 89 -23.93 22.23 -8.09
CA ALA C 89 -25.11 21.39 -8.04
C ALA C 89 -24.82 19.96 -7.55
N THR C 90 -23.59 19.51 -7.77
CA THR C 90 -23.18 18.19 -7.37
C THR C 90 -22.99 18.08 -5.86
N LYS C 91 -22.70 19.20 -5.22
CA LYS C 91 -22.49 19.22 -3.77
C LYS C 91 -23.79 19.28 -2.97
N VAL C 92 -24.89 19.63 -3.63
CA VAL C 92 -26.17 19.73 -2.94
C VAL C 92 -26.56 18.40 -2.30
N GLN C 93 -26.47 17.32 -3.08
CA GLN C 93 -26.80 15.97 -2.62
C GLN C 93 -25.96 15.58 -1.40
N ASP C 94 -24.71 16.02 -1.38
CA ASP C 94 -23.77 15.75 -0.29
C ASP C 94 -24.19 16.48 0.98
N ILE C 95 -24.60 17.74 0.83
CA ILE C 95 -25.04 18.56 1.94
C ILE C 95 -26.32 17.97 2.54
N LYS C 96 -27.18 17.44 1.68
CA LYS C 96 -28.43 16.83 2.14
C LYS C 96 -28.12 15.52 2.85
N ASN C 97 -27.02 14.88 2.46
CA ASN C 97 -26.62 13.63 3.09
C ASN C 97 -26.05 13.92 4.45
N ASN C 98 -25.33 15.02 4.60
CA ASN C 98 -24.79 15.37 5.91
C ASN C 98 -25.96 15.71 6.81
N LEU C 99 -26.93 16.43 6.28
CA LEU C 99 -28.10 16.83 7.05
C LEU C 99 -28.91 15.64 7.54
N LYS C 100 -29.04 14.61 6.71
CA LYS C 100 -29.81 13.43 7.07
C LYS C 100 -29.06 12.58 8.07
N GLU C 101 -27.77 12.42 7.82
CA GLU C 101 -26.90 11.59 8.67
C GLU C 101 -26.81 12.14 10.08
N ALA C 102 -26.93 13.46 10.18
CA ALA C 102 -26.85 14.16 11.45
C ALA C 102 -28.09 13.94 12.30
N ILE C 103 -29.26 14.21 11.73
CA ILE C 103 -30.51 14.04 12.46
C ILE C 103 -30.74 12.59 12.93
N GLU C 104 -30.41 11.61 12.09
CA GLU C 104 -30.57 10.23 12.47
C GLU C 104 -29.52 9.74 13.46
N THR C 105 -28.35 10.37 13.48
CA THR C 105 -27.30 9.97 14.42
C THR C 105 -27.66 10.44 15.82
N ILE C 106 -28.19 11.66 15.91
CA ILE C 106 -28.59 12.23 17.19
C ILE C 106 -29.78 11.47 17.77
N VAL C 107 -30.80 11.24 16.94
CA VAL C 107 -32.00 10.51 17.35
C VAL C 107 -31.67 9.07 17.80
N ALA C 108 -30.84 8.37 17.02
CA ALA C 108 -30.46 6.99 17.33
C ALA C 108 -29.66 6.84 18.63
N ALA C 109 -28.95 7.88 19.03
CA ALA C 109 -28.16 7.82 20.24
C ALA C 109 -28.97 8.13 21.51
N MET C 110 -30.18 8.63 21.34
CA MET C 110 -31.02 8.98 22.48
C MET C 110 -31.31 7.83 23.45
N SER C 111 -31.65 6.67 22.89
CA SER C 111 -31.96 5.49 23.71
C SER C 111 -30.74 4.70 24.21
N ASN C 112 -29.61 4.83 23.53
CA ASN C 112 -28.41 4.10 23.91
C ASN C 112 -27.47 4.75 24.90
N LEU C 113 -27.70 6.01 25.27
CA LEU C 113 -26.83 6.68 26.23
C LEU C 113 -27.12 6.25 27.67
N VAL C 114 -26.20 6.56 28.57
CA VAL C 114 -26.36 6.19 29.98
C VAL C 114 -26.06 7.38 30.88
N PRO C 115 -27.11 7.99 31.46
CA PRO C 115 -28.53 7.63 31.35
C PRO C 115 -29.13 8.03 29.99
N PRO C 116 -30.24 7.38 29.59
CA PRO C 116 -30.94 7.65 28.34
C PRO C 116 -31.59 9.02 28.37
N VAL C 117 -31.60 9.69 27.21
CA VAL C 117 -32.21 11.01 27.11
C VAL C 117 -33.64 10.84 26.62
N GLU C 118 -34.56 11.56 27.26
CA GLU C 118 -35.99 11.50 26.95
C GLU C 118 -36.46 12.68 26.09
N LEU C 119 -37.42 12.41 25.21
CA LEU C 119 -37.98 13.46 24.37
C LEU C 119 -38.80 14.40 25.25
N ALA C 120 -38.70 15.70 25.03
CA ALA C 120 -39.46 16.66 25.80
C ALA C 120 -40.90 16.79 25.27
N ASN C 121 -41.24 15.98 24.27
CA ASN C 121 -42.56 15.99 23.64
C ASN C 121 -42.93 14.63 23.07
N PRO C 122 -44.04 14.04 23.53
CA PRO C 122 -44.53 12.73 23.06
C PRO C 122 -44.75 12.73 21.56
N GLU C 123 -45.33 13.80 21.04
CA GLU C 123 -45.59 13.95 19.61
C GLU C 123 -44.36 13.57 18.78
N ASN C 124 -43.21 14.09 19.21
CA ASN C 124 -41.94 13.86 18.54
C ASN C 124 -41.49 12.41 18.37
N GLN C 125 -42.05 11.52 19.18
CA GLN C 125 -41.70 10.10 19.11
C GLN C 125 -42.08 9.53 17.74
N PHE C 126 -43.15 10.07 17.18
CA PHE C 126 -43.63 9.64 15.87
C PHE C 126 -42.66 10.07 14.78
N ARG C 127 -42.07 11.25 14.95
CA ARG C 127 -41.09 11.77 13.99
C ARG C 127 -39.81 10.94 14.13
N VAL C 128 -39.57 10.45 15.34
CA VAL C 128 -38.42 9.60 15.60
C VAL C 128 -38.59 8.30 14.85
N ASP C 129 -39.75 7.66 15.01
CA ASP C 129 -40.03 6.38 14.33
C ASP C 129 -39.89 6.57 12.82
N TYR C 130 -40.33 7.73 12.35
CA TYR C 130 -40.23 8.08 10.95
C TYR C 130 -38.78 8.15 10.52
N ILE C 131 -37.98 8.95 11.22
CA ILE C 131 -36.56 9.10 10.89
C ILE C 131 -35.80 7.78 10.82
N LEU C 132 -36.01 6.94 11.82
CA LEU C 132 -35.34 5.64 11.91
C LEU C 132 -35.77 4.66 10.82
N SER C 133 -37.03 4.78 10.39
CA SER C 133 -37.53 3.90 9.35
C SER C 133 -36.86 4.15 8.00
N VAL C 134 -36.47 5.40 7.74
CA VAL C 134 -35.83 5.76 6.47
C VAL C 134 -34.33 5.97 6.60
N MET C 135 -33.75 5.43 7.66
CA MET C 135 -32.32 5.58 7.91
C MET C 135 -31.37 4.92 6.90
N ASN C 136 -31.58 3.63 6.66
CA ASN C 136 -30.73 2.88 5.75
C ASN C 136 -31.10 2.96 4.28
N VAL C 137 -32.12 3.75 3.94
CA VAL C 137 -32.55 3.88 2.54
C VAL C 137 -31.44 4.33 1.59
N PRO C 138 -31.18 3.55 0.52
CA PRO C 138 -30.15 3.85 -0.48
C PRO C 138 -30.38 5.18 -1.19
N ASP C 139 -31.30 5.20 -2.15
CA ASP C 139 -31.61 6.42 -2.89
C ASP C 139 -32.80 7.09 -2.23
N PHE C 140 -32.51 8.07 -1.39
CA PHE C 140 -33.56 8.81 -0.66
C PHE C 140 -33.87 10.05 -1.48
N ASP C 141 -35.13 10.21 -1.84
CA ASP C 141 -35.59 11.36 -2.65
C ASP C 141 -35.82 12.68 -1.91
N PHE C 142 -35.69 12.65 -0.59
CA PHE C 142 -35.85 13.84 0.26
C PHE C 142 -37.16 14.60 0.05
N PRO C 143 -38.29 14.00 0.46
CA PRO C 143 -39.63 14.58 0.36
C PRO C 143 -39.70 15.79 1.28
N PRO C 144 -40.64 16.71 1.01
CA PRO C 144 -40.75 17.89 1.86
C PRO C 144 -41.13 17.54 3.29
N GLU C 145 -41.61 16.31 3.50
CA GLU C 145 -41.99 15.86 4.85
C GLU C 145 -40.75 15.68 5.70
N PHE C 146 -39.70 15.14 5.07
CA PHE C 146 -38.43 14.88 5.74
C PHE C 146 -37.86 16.09 6.46
N TYR C 147 -37.83 17.24 5.80
CA TYR C 147 -37.28 18.43 6.41
C TYR C 147 -38.15 18.91 7.57
N GLU C 148 -39.46 18.74 7.45
CA GLU C 148 -40.39 19.16 8.50
C GLU C 148 -40.16 18.33 9.76
N HIS C 149 -40.05 17.02 9.59
CA HIS C 149 -39.84 16.13 10.72
C HIS C 149 -38.50 16.39 11.39
N ALA C 150 -37.45 16.49 10.57
CA ALA C 150 -36.10 16.76 11.07
C ALA C 150 -36.06 18.03 11.90
N LYS C 151 -36.64 19.08 11.35
CA LYS C 151 -36.71 20.37 12.01
C LYS C 151 -37.53 20.31 13.32
N ALA C 152 -38.58 19.51 13.32
CA ALA C 152 -39.41 19.38 14.51
C ALA C 152 -38.60 18.79 15.64
N LEU C 153 -37.83 17.75 15.33
CA LEU C 153 -36.98 17.07 16.31
C LEU C 153 -35.87 18.00 16.83
N TRP C 154 -35.18 18.65 15.91
CA TRP C 154 -34.10 19.55 16.25
C TRP C 154 -34.55 20.71 17.15
N GLU C 155 -35.85 20.90 17.31
CA GLU C 155 -36.35 21.97 18.18
C GLU C 155 -36.73 21.40 19.54
N ASP C 156 -36.90 20.08 19.58
CA ASP C 156 -37.24 19.37 20.81
C ASP C 156 -36.03 19.38 21.74
N GLU C 157 -36.20 19.91 22.94
CA GLU C 157 -35.11 20.00 23.92
C GLU C 157 -34.44 18.66 24.26
N GLY C 158 -35.22 17.60 24.23
CA GLY C 158 -34.68 16.28 24.52
C GLY C 158 -33.60 15.97 23.50
N VAL C 159 -33.91 16.24 22.24
CA VAL C 159 -32.97 16.01 21.15
C VAL C 159 -31.75 16.90 21.34
N ARG C 160 -31.98 18.15 21.71
CA ARG C 160 -30.88 19.10 21.91
C ARG C 160 -29.95 18.69 23.05
N ALA C 161 -30.53 18.28 24.18
CA ALA C 161 -29.74 17.84 25.32
C ALA C 161 -28.86 16.67 24.91
N CYS C 162 -29.40 15.80 24.06
CA CYS C 162 -28.67 14.64 23.56
C CYS C 162 -27.53 15.10 22.66
N TYR C 163 -27.74 16.23 21.99
CA TYR C 163 -26.72 16.80 21.11
C TYR C 163 -25.55 17.33 21.92
N GLU C 164 -25.85 17.82 23.11
CA GLU C 164 -24.81 18.33 24.00
C GLU C 164 -23.93 17.22 24.57
N ARG C 165 -24.35 15.98 24.36
CA ARG C 165 -23.60 14.83 24.84
C ARG C 165 -23.11 14.04 23.63
N SER C 166 -22.86 14.74 22.53
CA SER C 166 -22.41 14.10 21.30
C SER C 166 -20.96 13.62 21.31
N ASN C 167 -20.23 13.94 22.38
CA ASN C 167 -18.86 13.48 22.46
C ASN C 167 -18.82 12.00 22.86
N GLU C 168 -19.97 11.49 23.34
CA GLU C 168 -20.11 10.12 23.78
C GLU C 168 -20.52 9.15 22.68
N TYR C 169 -20.53 9.62 21.45
CA TYR C 169 -20.87 8.83 20.26
C TYR C 169 -20.30 9.52 19.03
N GLN C 170 -20.34 8.86 17.87
CA GLN C 170 -19.78 9.43 16.63
C GLN C 170 -20.74 10.30 15.81
N LEU C 171 -20.49 11.61 15.78
CA LEU C 171 -21.31 12.57 15.05
C LEU C 171 -20.46 13.57 14.23
N ILE C 172 -20.78 13.72 12.95
CA ILE C 172 -20.05 14.64 12.08
C ILE C 172 -20.03 16.07 12.66
N ASP C 173 -18.97 16.82 12.34
CA ASP C 173 -18.75 18.19 12.83
C ASP C 173 -19.74 19.26 12.35
N CYS C 174 -20.33 19.04 11.17
CA CYS C 174 -21.26 20.01 10.59
C CYS C 174 -22.72 19.87 11.00
N ALA C 175 -22.96 19.02 12.00
CA ALA C 175 -24.31 18.76 12.51
C ALA C 175 -25.08 20.03 12.79
N GLN C 176 -24.61 20.80 13.78
CA GLN C 176 -25.25 22.03 14.17
C GLN C 176 -25.42 23.04 13.04
N TYR C 177 -24.40 23.14 12.18
CA TYR C 177 -24.44 24.08 11.06
C TYR C 177 -25.59 23.83 10.10
N PHE C 178 -25.68 22.61 9.56
CA PHE C 178 -26.74 22.28 8.61
C PHE C 178 -28.13 22.20 9.20
N LEU C 179 -28.24 21.70 10.42
CA LEU C 179 -29.53 21.59 11.09
C LEU C 179 -30.13 22.97 11.41
N ASP C 180 -29.26 23.95 11.66
CA ASP C 180 -29.74 25.30 11.96
C ASP C 180 -30.33 26.02 10.72
N LYS C 181 -30.10 25.45 9.53
CA LYS C 181 -30.60 26.03 8.28
C LYS C 181 -31.31 25.02 7.36
N ILE C 182 -32.21 24.22 7.93
CA ILE C 182 -32.96 23.23 7.16
C ILE C 182 -33.88 23.94 6.16
N ASP C 183 -34.46 25.06 6.57
CA ASP C 183 -35.36 25.83 5.71
C ASP C 183 -34.67 26.37 4.46
N VAL C 184 -33.36 26.59 4.57
CA VAL C 184 -32.56 27.10 3.47
C VAL C 184 -32.20 26.00 2.48
N ILE C 185 -31.80 24.85 2.99
CA ILE C 185 -31.40 23.70 2.17
C ILE C 185 -32.58 23.02 1.48
N LYS C 186 -33.76 23.07 2.09
CA LYS C 186 -34.94 22.42 1.52
C LYS C 186 -35.51 23.05 0.26
N GLN C 187 -35.25 24.34 0.04
CA GLN C 187 -35.74 25.02 -1.15
C GLN C 187 -35.25 24.32 -2.41
N ASP C 188 -36.05 24.35 -3.46
CA ASP C 188 -35.70 23.68 -4.71
C ASP C 188 -34.73 24.53 -5.54
N ASP C 189 -34.74 25.82 -5.26
CA ASP C 189 -33.88 26.79 -5.94
C ASP C 189 -32.64 27.06 -5.07
N TYR C 190 -32.40 26.18 -4.10
CA TYR C 190 -31.27 26.31 -3.18
C TYR C 190 -29.91 26.26 -3.86
N VAL C 191 -29.07 27.25 -3.53
CA VAL C 191 -27.72 27.33 -4.06
C VAL C 191 -26.76 27.43 -2.88
N PRO C 192 -25.86 26.44 -2.75
CA PRO C 192 -24.88 26.33 -1.68
C PRO C 192 -23.95 27.52 -1.62
N SER C 193 -23.71 28.02 -0.42
CA SER C 193 -22.81 29.16 -0.23
C SER C 193 -21.38 28.62 -0.11
N ASP C 194 -20.42 29.52 0.11
CA ASP C 194 -19.03 29.10 0.27
C ASP C 194 -18.86 28.36 1.59
N GLN C 195 -19.56 28.86 2.61
CA GLN C 195 -19.50 28.25 3.92
C GLN C 195 -20.16 26.88 3.94
N ASP C 196 -21.11 26.66 3.04
CA ASP C 196 -21.79 25.37 2.94
C ASP C 196 -20.86 24.30 2.37
N LEU C 197 -20.07 24.70 1.38
CA LEU C 197 -19.14 23.80 0.75
C LEU C 197 -17.97 23.48 1.65
N LEU C 198 -17.58 24.44 2.49
CA LEU C 198 -16.48 24.22 3.42
C LEU C 198 -16.90 23.34 4.58
N ARG C 199 -18.20 23.26 4.85
CA ARG C 199 -18.69 22.42 5.93
C ARG C 199 -19.01 21.00 5.48
N CYS C 200 -19.57 20.85 4.28
CA CYS C 200 -19.91 19.53 3.75
C CYS C 200 -18.80 18.50 3.96
N ARG C 201 -19.07 17.50 4.79
CA ARG C 201 -18.08 16.46 5.06
C ARG C 201 -18.19 15.24 4.14
N VAL C 202 -17.06 14.77 3.65
CA VAL C 202 -17.03 13.63 2.76
C VAL C 202 -15.68 12.93 2.87
N LEU C 203 -15.70 11.73 3.45
CA LEU C 203 -14.49 10.95 3.64
C LEU C 203 -13.57 10.83 2.41
N THR C 204 -12.26 10.95 2.65
CA THR C 204 -11.25 10.87 1.60
C THR C 204 -10.67 9.45 1.52
N SER C 205 -10.55 8.93 0.31
CA SER C 205 -9.99 7.59 0.11
C SER C 205 -9.09 7.57 -1.11
N GLY C 206 -7.78 7.47 -0.90
CA GLY C 206 -6.86 7.49 -2.01
C GLY C 206 -6.22 8.85 -2.05
N ILE C 207 -5.22 9.04 -2.91
CA ILE C 207 -4.54 10.33 -3.00
C ILE C 207 -5.06 11.29 -4.07
N PHE C 208 -5.07 12.58 -3.72
CA PHE C 208 -5.52 13.64 -4.61
C PHE C 208 -4.47 14.75 -4.70
N GLU C 209 -4.18 15.20 -5.92
CA GLU C 209 -3.17 16.24 -6.14
C GLU C 209 -3.74 17.53 -6.74
N THR C 210 -3.62 18.60 -5.96
CA THR C 210 -4.10 19.94 -6.35
C THR C 210 -2.92 20.82 -6.76
N LYS C 211 -3.19 21.74 -7.67
CA LYS C 211 -2.16 22.67 -8.16
C LYS C 211 -2.64 24.10 -8.04
N PHE C 212 -1.72 25.02 -7.76
CA PHE C 212 -2.03 26.44 -7.65
C PHE C 212 -0.80 27.32 -7.63
N GLN C 213 -1.00 28.62 -7.83
CA GLN C 213 0.10 29.56 -7.85
C GLN C 213 -0.14 30.75 -6.93
N VAL C 214 0.94 31.25 -6.32
CA VAL C 214 0.87 32.42 -5.43
C VAL C 214 2.08 33.33 -5.72
N ASP C 215 1.84 34.35 -6.54
CA ASP C 215 2.87 35.29 -6.95
C ASP C 215 3.83 34.55 -7.88
N LYS C 216 3.24 33.74 -8.78
CA LYS C 216 3.99 32.95 -9.74
C LYS C 216 4.94 31.91 -9.14
N VAL C 217 4.53 31.33 -8.02
CA VAL C 217 5.28 30.30 -7.31
C VAL C 217 4.35 29.09 -7.30
N ASN C 218 4.87 27.94 -7.70
CA ASN C 218 4.07 26.71 -7.79
C ASN C 218 3.93 25.82 -6.55
N PHE C 219 2.70 25.39 -6.30
CA PHE C 219 2.40 24.52 -5.17
C PHE C 219 1.59 23.31 -5.62
N HIS C 220 2.10 22.13 -5.30
CA HIS C 220 1.43 20.87 -5.60
C HIS C 220 1.04 20.30 -4.24
N MET C 221 -0.26 20.33 -3.93
CA MET C 221 -0.76 19.84 -2.67
C MET C 221 -1.30 18.42 -2.78
N PHE C 222 -1.04 17.60 -1.77
CA PHE C 222 -1.54 16.24 -1.77
C PHE C 222 -2.41 16.00 -0.55
N ASP C 223 -3.62 15.55 -0.81
CA ASP C 223 -4.60 15.28 0.22
C ASP C 223 -4.79 13.75 0.31
N VAL C 224 -4.65 13.21 1.51
CA VAL C 224 -4.80 11.75 1.72
C VAL C 224 -5.85 11.40 2.77
N GLY C 225 -6.17 10.12 2.88
CA GLY C 225 -7.13 9.68 3.88
C GLY C 225 -6.42 9.63 5.22
N GLY C 226 -7.11 10.05 6.27
CA GLY C 226 -6.50 10.07 7.60
C GLY C 226 -6.82 8.88 8.47
N GLN C 227 -7.86 8.13 8.10
CA GLN C 227 -8.28 6.95 8.84
C GLN C 227 -7.22 5.86 8.73
N ARG C 228 -7.02 5.13 9.82
CA ARG C 228 -6.01 4.07 9.91
C ARG C 228 -5.71 3.25 8.67
N ASP C 229 -6.75 2.77 7.99
CA ASP C 229 -6.57 1.97 6.80
C ASP C 229 -5.94 2.73 5.65
N GLU C 230 -6.48 3.90 5.37
CA GLU C 230 -5.99 4.74 4.28
C GLU C 230 -4.52 5.15 4.40
N ARG C 231 -3.99 5.13 5.61
CA ARG C 231 -2.60 5.54 5.84
C ARG C 231 -1.52 4.80 5.08
N ARG C 232 -1.77 3.53 4.77
CA ARG C 232 -0.79 2.71 4.07
C ARG C 232 -0.37 3.32 2.75
N LYS C 233 -1.15 4.27 2.28
CA LYS C 233 -0.89 4.95 1.02
C LYS C 233 0.04 6.16 1.12
N TRP C 234 0.06 6.79 2.28
CA TRP C 234 0.89 7.99 2.52
C TRP C 234 2.30 7.88 1.94
N ILE C 235 2.96 6.76 2.26
CA ILE C 235 4.32 6.44 1.81
C ILE C 235 4.63 6.92 0.39
N GLN C 236 3.71 6.65 -0.53
CA GLN C 236 3.86 7.03 -1.92
C GLN C 236 4.20 8.48 -2.18
N CYS C 237 3.93 9.34 -1.20
CA CYS C 237 4.24 10.77 -1.32
C CYS C 237 5.46 11.20 -0.53
N PHE C 238 6.04 10.28 0.23
CA PHE C 238 7.20 10.61 1.05
C PHE C 238 8.46 11.10 0.34
N ASN C 239 8.85 10.40 -0.71
CA ASN C 239 10.05 10.78 -1.45
C ASN C 239 9.89 12.08 -2.22
N ASP C 240 10.82 13.01 -1.97
CA ASP C 240 10.83 14.32 -2.62
C ASP C 240 9.75 15.31 -2.18
N VAL C 241 9.50 15.41 -0.88
CA VAL C 241 8.49 16.33 -0.39
C VAL C 241 9.16 17.56 0.21
N THR C 242 8.62 18.72 -0.11
CA THR C 242 9.17 19.98 0.39
C THR C 242 8.87 20.10 1.88
N ALA C 243 7.61 20.00 2.25
CA ALA C 243 7.23 20.09 3.63
C ALA C 243 5.96 19.32 3.91
N ILE C 244 5.71 19.05 5.18
CA ILE C 244 4.53 18.33 5.57
C ILE C 244 3.65 19.22 6.40
N ILE C 245 2.36 19.24 6.08
CA ILE C 245 1.40 20.01 6.85
C ILE C 245 0.61 19.00 7.66
N PHE C 246 0.82 18.99 8.97
CA PHE C 246 0.14 18.05 9.86
C PHE C 246 -1.02 18.75 10.54
N VAL C 247 -2.23 18.32 10.20
CA VAL C 247 -3.45 18.90 10.74
C VAL C 247 -3.93 18.14 11.99
N VAL C 248 -4.45 18.87 12.98
CA VAL C 248 -4.94 18.28 14.21
C VAL C 248 -6.22 18.95 14.71
N ALA C 249 -7.21 18.14 15.06
CA ALA C 249 -8.48 18.64 15.58
C ALA C 249 -8.35 18.94 17.07
N SER C 250 -7.79 20.09 17.37
CA SER C 250 -7.56 20.55 18.73
C SER C 250 -8.73 20.36 19.68
N SER C 251 -9.94 20.50 19.16
CA SER C 251 -11.17 20.40 19.96
C SER C 251 -11.68 19.03 20.31
N SER C 252 -11.10 17.98 19.72
CA SER C 252 -11.55 16.62 19.95
C SER C 252 -10.94 15.89 21.16
N TYR C 253 -10.58 16.65 22.18
CA TYR C 253 -9.99 16.07 23.38
C TYR C 253 -10.94 15.20 24.21
N ASN C 254 -12.23 15.54 24.17
CA ASN C 254 -13.25 14.80 24.90
C ASN C 254 -13.87 13.74 24.01
N MET C 255 -13.19 13.36 22.93
CA MET C 255 -13.72 12.39 21.99
C MET C 255 -12.81 11.20 21.68
N VAL C 256 -13.37 10.20 20.99
CA VAL C 256 -12.64 8.99 20.61
C VAL C 256 -12.80 8.74 19.10
N ILE C 257 -11.82 8.06 18.51
CA ILE C 257 -11.82 7.79 17.07
C ILE C 257 -12.90 6.82 16.64
N ARG C 258 -13.32 6.95 15.38
CA ARG C 258 -14.35 6.07 14.83
C ARG C 258 -13.87 4.64 14.74
N GLU C 259 -12.64 4.49 14.25
CA GLU C 259 -12.02 3.18 14.05
C GLU C 259 -12.24 2.11 15.12
N ASP C 260 -12.14 2.47 16.40
CA ASP C 260 -12.36 1.49 17.46
C ASP C 260 -13.37 1.91 18.51
N ASN C 261 -13.63 3.21 18.59
CA ASN C 261 -14.57 3.75 19.56
C ASN C 261 -14.06 3.72 20.97
N GLN C 262 -12.75 3.91 21.14
CA GLN C 262 -12.12 3.90 22.47
C GLN C 262 -10.93 4.85 22.58
N THR C 263 -10.00 4.77 21.64
CA THR C 263 -8.82 5.61 21.64
C THR C 263 -9.17 7.10 21.53
N ASN C 264 -8.64 7.89 22.46
CA ASN C 264 -8.89 9.34 22.48
C ASN C 264 -8.37 9.99 21.22
N ARG C 265 -9.23 10.76 20.56
CA ARG C 265 -8.90 11.45 19.32
C ARG C 265 -7.61 12.26 19.34
N LEU C 266 -7.41 13.02 20.41
CA LEU C 266 -6.21 13.83 20.53
C LEU C 266 -5.01 12.93 20.69
N GLN C 267 -5.14 11.89 21.49
CA GLN C 267 -4.03 10.96 21.71
C GLN C 267 -3.60 10.35 20.38
N GLU C 268 -4.58 9.88 19.61
CA GLU C 268 -4.31 9.30 18.30
C GLU C 268 -3.50 10.29 17.48
N ALA C 269 -3.92 11.55 17.50
CA ALA C 269 -3.21 12.60 16.75
C ALA C 269 -1.76 12.64 17.23
N LEU C 270 -1.57 12.77 18.55
CA LEU C 270 -0.24 12.80 19.15
C LEU C 270 0.62 11.61 18.70
N ASN C 271 0.05 10.41 18.75
CA ASN C 271 0.78 9.21 18.33
C ASN C 271 1.17 9.31 16.86
N LEU C 272 0.20 9.65 16.02
CA LEU C 272 0.42 9.80 14.60
C LEU C 272 1.52 10.83 14.31
N PHE C 273 1.53 11.92 15.08
CA PHE C 273 2.54 12.96 14.90
C PHE C 273 3.90 12.42 15.23
N LYS C 274 4.02 11.78 16.40
CA LYS C 274 5.28 11.21 16.84
C LYS C 274 5.79 10.15 15.86
N SER C 275 4.87 9.52 15.15
CA SER C 275 5.22 8.50 14.17
C SER C 275 5.76 9.16 12.91
N ILE C 276 5.20 10.31 12.57
CA ILE C 276 5.62 11.06 11.40
C ILE C 276 6.93 11.82 11.66
N TRP C 277 7.03 12.42 12.83
CA TRP C 277 8.19 13.18 13.24
C TRP C 277 9.46 12.34 13.31
N ASN C 278 9.34 11.11 13.81
CA ASN C 278 10.51 10.25 13.92
C ASN C 278 10.61 9.21 12.81
N ASN C 279 9.85 9.40 11.73
CA ASN C 279 9.84 8.46 10.61
C ASN C 279 11.24 8.38 10.01
N ARG C 280 11.65 7.19 9.61
CA ARG C 280 12.98 7.01 9.05
C ARG C 280 13.13 7.65 7.68
N TRP C 281 12.00 7.89 7.02
CA TRP C 281 12.03 8.48 5.70
C TRP C 281 11.78 9.99 5.70
N LEU C 282 11.35 10.53 6.83
CA LEU C 282 11.06 11.96 6.94
C LEU C 282 11.98 12.65 7.91
N ARG C 283 13.20 12.13 8.05
CA ARG C 283 14.19 12.66 8.97
C ARG C 283 14.57 14.12 8.77
N THR C 284 14.66 14.55 7.50
CA THR C 284 15.01 15.93 7.18
C THR C 284 13.85 16.69 6.53
N ILE C 285 12.61 16.36 6.90
CA ILE C 285 11.43 17.05 6.34
C ILE C 285 10.76 17.84 7.44
N SER C 286 10.72 19.16 7.29
CA SER C 286 10.11 20.00 8.30
C SER C 286 8.60 19.82 8.32
N VAL C 287 8.00 20.01 9.49
CA VAL C 287 6.58 19.83 9.61
C VAL C 287 5.82 21.08 10.07
N ILE C 288 4.92 21.55 9.23
CA ILE C 288 4.10 22.70 9.57
C ILE C 288 2.86 22.12 10.25
N LEU C 289 2.64 22.50 11.51
CA LEU C 289 1.55 21.97 12.32
C LEU C 289 0.31 22.86 12.49
N PHE C 290 -0.82 22.45 11.92
CA PHE C 290 -2.05 23.22 12.06
C PHE C 290 -2.83 22.74 13.25
N LEU C 291 -2.90 23.55 14.29
CA LEU C 291 -3.70 23.20 15.47
C LEU C 291 -5.11 23.66 15.14
N ASN C 292 -5.69 22.94 14.17
CA ASN C 292 -7.00 23.22 13.61
C ASN C 292 -8.18 23.11 14.57
N LYS C 293 -9.33 23.60 14.11
CA LYS C 293 -10.58 23.60 14.88
C LYS C 293 -10.46 24.48 16.11
N GLN C 294 -9.84 25.65 15.93
CA GLN C 294 -9.66 26.56 17.03
C GLN C 294 -10.98 27.09 17.55
N ASP C 295 -11.92 27.35 16.65
CA ASP C 295 -13.26 27.84 17.00
C ASP C 295 -13.98 26.90 17.97
N LEU C 296 -14.06 25.63 17.61
CA LEU C 296 -14.72 24.64 18.47
C LEU C 296 -13.97 24.42 19.80
N LEU C 297 -12.65 24.63 19.80
CA LEU C 297 -11.88 24.45 21.03
C LEU C 297 -12.30 25.49 22.06
N ALA C 298 -12.31 26.75 21.63
CA ALA C 298 -12.68 27.84 22.50
C ALA C 298 -14.10 27.66 23.05
N GLU C 299 -15.01 27.22 22.20
CA GLU C 299 -16.39 27.02 22.60
C GLU C 299 -16.52 25.98 23.73
N LYS C 300 -15.78 24.86 23.60
CA LYS C 300 -15.77 23.80 24.60
C LYS C 300 -15.15 24.31 25.89
N VAL C 301 -14.02 24.99 25.75
CA VAL C 301 -13.32 25.51 26.90
C VAL C 301 -14.21 26.40 27.75
N LEU C 302 -14.75 27.45 27.14
CA LEU C 302 -15.63 28.39 27.84
C LEU C 302 -16.94 27.77 28.35
N ALA C 303 -17.48 26.81 27.62
CA ALA C 303 -18.73 26.17 28.02
C ALA C 303 -18.68 25.63 29.44
N GLY C 304 -17.55 25.04 29.81
CA GLY C 304 -17.37 24.50 31.16
C GLY C 304 -17.84 23.09 31.45
N LYS C 305 -18.51 22.46 30.49
CA LYS C 305 -19.02 21.09 30.69
C LYS C 305 -17.92 20.04 30.65
N SER C 306 -17.24 19.91 29.52
CA SER C 306 -16.16 18.92 29.37
C SER C 306 -14.82 19.51 29.76
N LYS C 307 -14.32 19.11 30.94
CA LYS C 307 -13.06 19.59 31.46
C LYS C 307 -11.83 18.89 30.89
N ILE C 308 -10.91 19.67 30.36
CA ILE C 308 -9.69 19.15 29.77
C ILE C 308 -8.89 18.26 30.72
N GLU C 309 -8.67 18.72 31.94
CA GLU C 309 -7.91 17.95 32.93
C GLU C 309 -8.45 16.57 33.30
N ASP C 310 -9.61 16.23 32.76
CA ASP C 310 -10.20 14.92 33.02
C ASP C 310 -9.76 13.94 31.95
N TYR C 311 -9.16 14.44 30.88
CA TYR C 311 -8.69 13.59 29.79
C TYR C 311 -7.17 13.60 29.73
N PHE C 312 -6.58 14.72 30.15
CA PHE C 312 -5.14 14.88 30.18
C PHE C 312 -4.78 15.53 31.51
N PRO C 313 -4.47 14.69 32.52
CA PRO C 313 -4.12 15.08 33.89
C PRO C 313 -2.99 16.08 33.94
N GLU C 314 -2.08 16.00 32.98
CA GLU C 314 -0.94 16.92 32.94
C GLU C 314 -1.36 18.39 32.84
N PHE C 315 -2.60 18.63 32.40
CA PHE C 315 -3.11 19.98 32.26
C PHE C 315 -3.23 20.68 33.61
N ALA C 316 -3.36 19.93 34.68
CA ALA C 316 -3.49 20.51 36.01
C ALA C 316 -2.23 21.22 36.48
N ARG C 317 -1.12 20.96 35.82
CA ARG C 317 0.16 21.57 36.18
C ARG C 317 0.55 22.64 35.19
N TYR C 318 -0.07 22.63 34.01
CA TYR C 318 0.25 23.58 32.97
C TYR C 318 -0.19 25.01 33.20
N THR C 319 0.72 25.94 32.92
CA THR C 319 0.45 27.38 33.03
C THR C 319 0.89 28.03 31.71
N THR C 320 0.26 29.14 31.34
CA THR C 320 0.57 29.83 30.10
C THR C 320 2.00 30.36 30.07
N PRO C 321 2.75 30.07 28.99
CA PRO C 321 4.12 30.58 28.86
C PRO C 321 4.13 32.11 28.78
N GLU C 322 5.28 32.71 29.05
CA GLU C 322 5.41 34.16 29.02
C GLU C 322 5.40 34.76 27.62
N ASP C 323 6.14 34.14 26.71
CA ASP C 323 6.25 34.56 25.31
C ASP C 323 4.96 34.36 24.51
N ALA C 324 3.95 33.80 25.15
CA ALA C 324 2.66 33.53 24.53
C ALA C 324 1.93 34.78 24.06
N THR C 325 1.38 34.73 22.86
CA THR C 325 0.65 35.86 22.28
C THR C 325 -0.84 35.55 22.09
N PRO C 326 -1.69 36.10 22.97
CA PRO C 326 -3.13 35.87 22.85
C PRO C 326 -3.70 36.77 21.77
N GLU C 327 -4.90 36.43 21.29
CA GLU C 327 -5.57 37.25 20.28
C GLU C 327 -6.32 38.34 21.04
N PRO C 328 -6.54 39.50 20.40
CA PRO C 328 -7.24 40.60 21.06
C PRO C 328 -8.59 40.20 21.69
N GLY C 329 -8.69 40.40 22.99
CA GLY C 329 -9.93 40.07 23.71
C GLY C 329 -10.10 38.60 24.01
N GLU C 330 -9.04 37.82 23.85
CA GLU C 330 -9.07 36.38 24.11
C GLU C 330 -9.08 36.06 25.61
N ASP C 331 -9.97 35.14 26.01
CA ASP C 331 -10.10 34.71 27.40
C ASP C 331 -8.86 33.96 27.86
N PRO C 332 -8.33 34.27 29.07
CA PRO C 332 -7.16 33.62 29.66
C PRO C 332 -7.29 32.10 29.64
N ARG C 333 -8.50 31.61 29.93
CA ARG C 333 -8.78 30.17 29.94
C ARG C 333 -8.55 29.55 28.55
N VAL C 334 -9.08 30.20 27.53
CA VAL C 334 -8.92 29.76 26.16
C VAL C 334 -7.44 29.73 25.81
N THR C 335 -6.75 30.84 26.08
CA THR C 335 -5.32 30.98 25.82
C THR C 335 -4.54 29.80 26.38
N ARG C 336 -4.88 29.45 27.61
CA ARG C 336 -4.25 28.36 28.33
C ARG C 336 -4.49 27.01 27.65
N ALA C 337 -5.72 26.71 27.28
CA ALA C 337 -6.05 25.44 26.63
C ALA C 337 -5.33 25.23 25.30
N LYS C 338 -5.44 26.19 24.41
CA LYS C 338 -4.82 26.06 23.11
C LYS C 338 -3.31 25.94 23.23
N TYR C 339 -2.71 26.68 24.15
CA TYR C 339 -1.27 26.62 24.31
C TYR C 339 -0.80 25.30 24.91
N PHE C 340 -1.63 24.74 25.79
CA PHE C 340 -1.31 23.47 26.42
C PHE C 340 -1.24 22.42 25.34
N ILE C 341 -2.26 22.40 24.48
CA ILE C 341 -2.31 21.46 23.39
C ILE C 341 -1.09 21.64 22.49
N ARG C 342 -0.72 22.89 22.22
CA ARG C 342 0.44 23.17 21.38
C ARG C 342 1.69 22.54 21.96
N ASP C 343 1.90 22.73 23.25
CA ASP C 343 3.08 22.19 23.92
C ASP C 343 3.18 20.67 23.95
N GLU C 344 2.06 19.97 23.96
CA GLU C 344 2.09 18.51 23.96
C GLU C 344 2.69 18.05 22.63
N PHE C 345 2.44 18.83 21.58
CA PHE C 345 2.99 18.50 20.26
C PHE C 345 4.43 18.92 20.16
N LEU C 346 4.74 20.10 20.70
CA LEU C 346 6.12 20.61 20.67
C LEU C 346 7.06 19.75 21.52
N ARG C 347 6.51 19.23 22.62
CA ARG C 347 7.26 18.37 23.52
C ARG C 347 7.83 17.16 22.76
N ILE C 348 7.04 16.61 21.85
CA ILE C 348 7.46 15.47 21.04
C ILE C 348 8.53 15.88 20.05
N SER C 349 8.28 16.94 19.30
CA SER C 349 9.23 17.42 18.29
C SER C 349 10.58 17.88 18.86
N THR C 350 10.59 18.30 20.11
CA THR C 350 11.80 18.79 20.76
C THR C 350 12.73 17.68 21.24
N ALA C 351 12.18 16.50 21.46
CA ALA C 351 12.96 15.35 21.94
C ALA C 351 13.98 14.79 20.96
N SER C 352 13.73 14.94 19.67
CA SER C 352 14.65 14.43 18.66
C SER C 352 14.61 15.26 17.38
N GLY C 353 15.77 15.44 16.73
CA GLY C 353 15.81 16.22 15.49
C GLY C 353 17.17 16.80 15.15
N ASP C 354 17.73 17.56 16.10
CA ASP C 354 19.06 18.17 16.01
C ASP C 354 19.23 19.15 14.87
N GLY C 355 18.17 19.86 14.52
CA GLY C 355 18.29 20.81 13.43
C GLY C 355 18.35 20.09 12.09
N ARG C 356 17.93 18.83 12.03
CA ARG C 356 17.91 18.15 10.74
C ARG C 356 16.62 18.61 10.06
N HIS C 357 15.61 18.90 10.90
CA HIS C 357 14.29 19.37 10.47
C HIS C 357 13.57 20.07 11.63
N TYR C 358 12.73 21.04 11.32
CA TYR C 358 12.01 21.81 12.36
C TYR C 358 10.48 21.68 12.36
N CYS C 359 9.87 22.22 13.42
CA CYS C 359 8.40 22.20 13.58
C CYS C 359 7.83 23.62 13.71
N TYR C 360 6.84 23.94 12.87
CA TYR C 360 6.21 25.25 12.87
C TYR C 360 4.72 25.26 13.23
N PRO C 361 4.39 25.49 14.51
CA PRO C 361 3.02 25.57 15.04
C PRO C 361 2.21 26.72 14.44
N HIS C 362 0.90 26.51 14.36
CA HIS C 362 -0.02 27.50 13.83
C HIS C 362 -1.44 27.23 14.35
N PHE C 363 -2.06 28.24 14.95
CA PHE C 363 -3.44 28.11 15.44
C PHE C 363 -4.31 28.26 14.19
N THR C 364 -5.13 27.24 13.96
CA THR C 364 -5.92 27.22 12.75
C THR C 364 -7.41 26.93 12.92
N CYS C 365 -8.17 27.40 11.93
CA CYS C 365 -9.61 27.22 11.88
C CYS C 365 -9.99 27.12 10.38
N ALA C 366 -9.77 25.94 9.81
CA ALA C 366 -10.02 25.64 8.40
C ALA C 366 -11.29 26.18 7.72
N VAL C 367 -12.39 26.29 8.46
CA VAL C 367 -13.63 26.80 7.86
C VAL C 367 -13.71 28.32 7.74
N ASP C 368 -12.65 29.00 8.19
CA ASP C 368 -12.57 30.46 8.14
C ASP C 368 -11.61 30.86 7.02
N THR C 369 -12.16 31.07 5.82
CA THR C 369 -11.38 31.45 4.63
C THR C 369 -10.40 32.57 4.91
N GLU C 370 -10.68 33.33 5.95
CA GLU C 370 -9.86 34.46 6.32
C GLU C 370 -8.62 34.08 7.14
N ASN C 371 -8.80 33.17 8.07
CA ASN C 371 -7.71 32.71 8.92
C ASN C 371 -6.72 31.91 8.06
N ILE C 372 -7.26 31.14 7.11
CA ILE C 372 -6.41 30.35 6.23
C ILE C 372 -5.57 31.22 5.32
N ARG C 373 -6.15 32.29 4.79
CA ARG C 373 -5.41 33.22 3.93
C ARG C 373 -4.18 33.69 4.68
N ARG C 374 -4.42 34.14 5.91
CA ARG C 374 -3.39 34.65 6.78
C ARG C 374 -2.33 33.59 7.07
N VAL C 375 -2.72 32.45 7.64
CA VAL C 375 -1.74 31.41 7.98
C VAL C 375 -0.96 30.83 6.79
N PHE C 376 -1.61 30.67 5.64
CA PHE C 376 -0.91 30.13 4.48
C PHE C 376 0.16 31.14 4.03
N ASN C 377 -0.03 32.41 4.35
CA ASN C 377 0.96 33.42 4.02
C ASN C 377 2.15 33.28 4.95
N ASP C 378 1.87 32.84 6.19
CA ASP C 378 2.94 32.62 7.17
C ASP C 378 3.73 31.42 6.68
N CYS C 379 3.03 30.49 6.02
CA CYS C 379 3.61 29.27 5.45
C CYS C 379 4.53 29.52 4.26
N ARG C 380 4.10 30.39 3.35
CA ARG C 380 4.92 30.73 2.19
C ARG C 380 6.25 31.29 2.66
N ASP C 381 6.19 32.05 3.75
CA ASP C 381 7.38 32.64 4.33
C ASP C 381 8.28 31.52 4.81
N ILE C 382 7.74 30.59 5.58
CA ILE C 382 8.50 29.46 6.11
C ILE C 382 9.20 28.69 4.98
N ILE C 383 8.45 28.28 3.96
CA ILE C 383 9.02 27.52 2.84
C ILE C 383 10.17 28.22 2.12
N GLN C 384 9.85 29.30 1.42
CA GLN C 384 10.85 30.03 0.67
C GLN C 384 12.05 30.50 1.50
N ARG C 385 11.77 31.00 2.70
CA ARG C 385 12.80 31.48 3.60
C ARG C 385 13.89 30.47 3.95
N MET C 386 13.53 29.44 4.70
CA MET C 386 14.50 28.42 5.11
C MET C 386 15.11 27.59 3.99
N HIS C 387 14.81 27.94 2.73
CA HIS C 387 15.31 27.25 1.55
C HIS C 387 14.66 25.89 1.36
N LEU C 388 13.36 25.77 1.68
CA LEU C 388 12.65 24.50 1.53
C LEU C 388 12.14 24.29 0.09
ZN ZN D . 7.30 -21.84 -13.33
MG MG E . 6.16 -24.72 -15.33
C1 FOK F . 7.47 -9.63 -12.88
O2 FOK F . 8.54 -9.01 -12.13
C2 FOK F . 8.10 -10.77 -13.66
C3 FOK F . 8.62 -11.89 -12.77
C4 FOK F . 7.48 -12.51 -11.87
C5 FOK F . 6.84 -11.35 -11.08
C6 FOK F . 5.85 -11.80 -9.96
O3 FOK F . 4.72 -12.52 -10.47
C7 FOK F . 5.44 -10.64 -9.07
O4 FOK F . 4.40 -11.08 -8.12
C8 FOK F . 4.85 -9.41 -9.81
O1 FOK F . 4.78 -8.39 -8.79
C9 FOK F . 5.96 -9.01 -10.84
O6 FOK F . 7.10 -8.71 -10.02
C10 FOK F . 6.33 -10.12 -11.91
C11 FOK F . 5.55 -7.62 -11.37
O7 FOK F . 5.33 -7.36 -12.54
C12 FOK F . 5.45 -6.56 -10.28
C13 FOK F . 4.58 -7.00 -9.10
C14 FOK F . 5.12 -6.28 -7.90
C15 FOK F . 6.25 -6.30 -7.44
C16 FOK F . 3.13 -6.62 -9.32
C17 FOK F . 3.45 -9.68 -10.37
C18 FOK F . 8.16 -13.48 -10.87
C19 FOK F . 6.54 -13.35 -12.77
C20 FOK F . 5.15 -10.45 -12.86
C21 FOK F . 4.79 -11.76 -7.00
O5 FOK F . 5.88 -11.64 -6.51
C22 FOK F . 3.66 -12.66 -6.47
PG DAD G . 2.98 -25.72 -14.67
O1G DAD G . 1.70 -25.32 -14.03
O2G DAD G . 3.99 -24.68 -15.00
O3G DAD G . 2.67 -26.50 -15.89
PB DAD G . 4.93 -26.80 -13.06
O1B DAD G . 6.03 -26.53 -14.02
O2B DAD G . 4.96 -28.03 -12.24
O3B DAD G . 3.63 -26.76 -13.81
PA DAD G . 5.64 -24.46 -11.87
O1A DAD G . 4.88 -23.55 -10.98
O2A DAD G . 6.16 -23.97 -13.17
O3A DAD G . 4.77 -25.64 -12.15
O5' DAD G . 6.81 -25.11 -11.00
C5' DAD G . 8.15 -24.65 -11.11
C4' DAD G . 8.48 -23.72 -9.96
O4' DAD G . 9.75 -23.06 -10.23
C3' DAD G . 8.67 -24.36 -8.59
C2' DAD G . 9.53 -23.32 -7.85
C1' DAD G . 10.36 -22.76 -9.00
N9 DAD G . 11.81 -22.85 -9.08
C8 DAD G . 12.58 -23.97 -9.20
N7 DAD G . 13.86 -23.73 -9.31
C5 DAD G . 13.93 -22.34 -9.28
C6 DAD G . 15.03 -21.46 -9.34
N6 DAD G . 16.28 -21.85 -9.51
N1 DAD G . 14.75 -20.13 -9.27
C2 DAD G . 13.49 -19.74 -9.11
N3 DAD G . 12.38 -20.48 -9.03
C4 DAD G . 12.69 -21.78 -9.12
O1 MES H . -11.72 -14.53 -7.39
C2 MES H . -11.47 -13.18 -7.71
C3 MES H . -9.98 -12.89 -7.86
N4 MES H . -9.42 -13.71 -8.93
C5 MES H . -9.78 -15.19 -8.66
C6 MES H . -11.28 -15.36 -8.43
C7 MES H . -7.98 -13.49 -9.18
C8 MES H . -7.46 -14.22 -10.41
S MES H . -5.68 -14.30 -10.42
O1S MES H . -5.28 -15.01 -9.22
O2S MES H . -5.25 -12.95 -10.40
O3S MES H . -5.30 -15.01 -11.63
MG MG I . -10.44 14.44 4.16
CL CL J . -7.22 14.90 14.83
ZN ZN K . 2.31 17.24 -9.34
PG GSP L . -10.44 12.69 6.33
O3B GSP L . -10.81 14.01 6.95
S1G GSP L . -11.46 11.21 6.93
O2G GSP L . -10.77 12.76 4.87
O3G GSP L . -9.05 12.35 6.74
PB GSP L . -10.33 15.43 6.85
O1B GSP L . -9.14 15.59 7.73
O2B GSP L . -10.22 15.79 5.42
PA GSP L . -12.38 17.20 6.80
O1A GSP L . -11.55 18.21 6.09
O2A GSP L . -13.43 16.46 6.07
O3A GSP L . -11.45 16.22 7.45
O5' GSP L . -13.08 17.93 8.03
C5' GSP L . -14.04 17.24 8.81
C4' GSP L . -15.19 18.16 9.19
O4' GSP L . -14.76 19.16 10.15
C3' GSP L . -15.80 18.92 8.02
O3' GSP L . -17.19 19.01 8.25
C2' GSP L . -15.18 20.30 8.16
O2' GSP L . -15.97 21.33 7.61
C1' GSP L . -15.09 20.44 9.66
N9 GSP L . -14.03 21.35 10.08
C8 GSP L . -12.74 21.38 9.61
N7 GSP L . -12.02 22.32 10.14
C5 GSP L . -12.88 22.96 11.03
C6 GSP L . -12.66 24.07 11.87
O6 GSP L . -11.63 24.73 12.02
N1 GSP L . -13.79 24.39 12.59
C2 GSP L . -14.98 23.73 12.52
N2 GSP L . -15.97 24.19 13.31
N3 GSP L . -15.21 22.70 11.72
C4 GSP L . -14.11 22.37 11.01
#